data_2WSB
#
_entry.id   2WSB
#
_cell.length_a   97.790
_cell.length_b   106.620
_cell.length_c   109.330
_cell.angle_alpha   90.00
_cell.angle_beta   90.00
_cell.angle_gamma   90.00
#
_symmetry.space_group_name_H-M   'P 21 21 21'
#
loop_
_entity.id
_entity.type
_entity.pdbx_description
1 polymer 'GALACTITOL DEHYDROGENASE'
2 non-polymer 'MAGNESIUM ION'
3 non-polymer NICOTINAMIDE-ADENINE-DINUCLEOTIDE
4 non-polymer N-PROPANOL
5 water water
#
_entity_poly.entity_id   1
_entity_poly.type   'polypeptide(L)'
_entity_poly.pdbx_seq_one_letter_code
;MDYRTVFRLDGACAAVTGAGSGIGLEICRAFAASGARLILIDREAAALDRAAQELGAAVAARIVADVTDAEAMTAAAAEA
EAVAPVSILVNSAGIARLHDALETDDATWRQVMAVNVDGMFWASRAFGRAMVARGAGAIVNLGSMSGTIVNRPQFASSYM
ASKGAVHQLTRALAAEWAGRGVRVNALAPGYVATEMTLKMRERPELFETWLDMTPMGRCGEPSEIAAAALFLASPAASYV
TGAILAVDGGYTVW
;
_entity_poly.pdbx_strand_id   A,B,C,D
#
# COMPACT_ATOMS: atom_id res chain seq x y z
N MET A 1 -17.19 -23.92 -14.94
CA MET A 1 -16.10 -24.36 -14.01
C MET A 1 -16.72 -25.39 -13.16
N ASP A 2 -15.89 -26.40 -12.82
CA ASP A 2 -16.24 -27.38 -11.82
C ASP A 2 -15.69 -26.93 -10.43
N TYR A 3 -16.54 -26.28 -9.64
CA TYR A 3 -16.07 -25.70 -8.39
C TYR A 3 -15.75 -26.78 -7.37
N ARG A 4 -16.31 -27.95 -7.63
N ARG A 4 -16.17 -28.04 -7.60
CA ARG A 4 -16.11 -28.94 -6.64
CA ARG A 4 -15.88 -29.16 -6.62
C ARG A 4 -14.65 -29.50 -6.69
C ARG A 4 -14.39 -29.50 -6.63
N THR A 5 -13.76 -29.25 -7.73
CA THR A 5 -12.36 -29.72 -7.83
C THR A 5 -11.38 -28.57 -8.01
N VAL A 6 -11.86 -27.33 -8.07
CA VAL A 6 -10.96 -26.21 -8.48
C VAL A 6 -9.85 -25.89 -7.42
N PHE A 7 -10.09 -26.30 -6.19
CA PHE A 7 -9.06 -26.09 -5.14
C PHE A 7 -8.15 -27.28 -4.95
N ARG A 8 -8.36 -28.37 -5.69
CA ARG A 8 -7.57 -29.62 -5.55
C ARG A 8 -6.25 -29.48 -6.27
N LEU A 9 -5.32 -30.37 -5.89
CA LEU A 9 -3.97 -30.41 -6.45
C LEU A 9 -3.70 -31.85 -6.97
N ASP A 10 -4.73 -32.55 -7.43
CA ASP A 10 -4.48 -33.97 -7.78
CA ASP A 10 -4.59 -33.92 -8.03
C ASP A 10 -3.55 -34.00 -9.01
N GLY A 11 -2.55 -34.91 -8.91
CA GLY A 11 -1.58 -34.98 -10.02
C GLY A 11 -0.39 -34.05 -9.88
N ALA A 12 -0.48 -33.10 -8.94
CA ALA A 12 0.64 -32.15 -8.82
C ALA A 12 1.75 -32.77 -7.97
N CYS A 13 2.99 -32.29 -8.07
CA CYS A 13 4.05 -32.50 -7.07
C CYS A 13 4.52 -31.13 -6.61
N ALA A 14 4.51 -30.95 -5.32
CA ALA A 14 4.86 -29.66 -4.73
C ALA A 14 6.14 -29.83 -3.93
N ALA A 15 7.11 -28.95 -4.20
CA ALA A 15 8.28 -28.86 -3.32
C ALA A 15 8.02 -27.85 -2.26
N VAL A 16 8.35 -28.15 -1.00
CA VAL A 16 8.09 -27.25 0.12
C VAL A 16 9.39 -27.12 0.90
N THR A 17 9.94 -25.93 0.88
CA THR A 17 11.04 -25.68 1.80
C THR A 17 10.54 -25.35 3.20
N GLY A 18 11.36 -25.62 4.18
CA GLY A 18 10.87 -25.51 5.53
C GLY A 18 9.79 -26.54 5.90
N ALA A 19 9.80 -27.69 5.22
CA ALA A 19 8.76 -28.70 5.45
C ALA A 19 8.84 -29.38 6.79
N GLY A 20 9.96 -29.23 7.54
CA GLY A 20 10.04 -29.94 8.76
C GLY A 20 9.28 -29.39 9.97
N SER A 21 8.68 -28.19 9.87
CA SER A 21 8.05 -27.60 11.06
C SER A 21 6.98 -26.65 10.58
N GLY A 22 6.13 -26.27 11.55
CA GLY A 22 5.37 -25.06 11.51
C GLY A 22 4.46 -25.00 10.31
N ILE A 23 4.50 -23.84 9.63
CA ILE A 23 3.64 -23.60 8.50
C ILE A 23 3.96 -24.56 7.31
N GLY A 24 5.26 -24.75 7.05
CA GLY A 24 5.66 -25.59 5.92
C GLY A 24 5.10 -27.01 6.07
N LEU A 25 5.26 -27.56 7.30
CA LEU A 25 4.76 -28.92 7.62
C LEU A 25 3.23 -28.95 7.37
N GLU A 26 2.52 -27.92 7.91
CA GLU A 26 1.05 -27.96 7.79
C GLU A 26 0.65 -27.84 6.37
N ILE A 27 1.41 -27.04 5.57
CA ILE A 27 1.16 -26.94 4.12
C ILE A 27 1.35 -28.32 3.49
N CYS A 28 2.38 -29.10 3.91
CA CYS A 28 2.49 -30.44 3.43
C CYS A 28 1.25 -31.26 3.69
N ARG A 29 0.70 -31.17 4.87
CA ARG A 29 -0.53 -31.94 5.25
C ARG A 29 -1.66 -31.51 4.36
N ALA A 30 -1.80 -30.19 4.14
CA ALA A 30 -2.89 -29.67 3.35
C ALA A 30 -2.75 -30.10 1.88
N PHE A 31 -1.53 -30.05 1.39
CA PHE A 31 -1.36 -30.38 -0.04
C PHE A 31 -1.52 -31.90 -0.23
N ALA A 32 -1.03 -32.74 0.68
CA ALA A 32 -1.25 -34.22 0.62
C ALA A 32 -2.75 -34.49 0.62
N ALA A 33 -3.55 -33.77 1.46
CA ALA A 33 -4.95 -34.07 1.59
C ALA A 33 -5.64 -33.66 0.33
N SER A 34 -5.02 -32.80 -0.44
CA SER A 34 -5.52 -32.25 -1.73
C SER A 34 -5.04 -32.96 -2.98
N GLY A 35 -4.31 -34.07 -2.75
CA GLY A 35 -3.95 -34.95 -3.85
C GLY A 35 -2.52 -34.80 -4.37
N ALA A 36 -1.74 -33.86 -3.78
CA ALA A 36 -0.40 -33.61 -4.31
C ALA A 36 0.57 -34.64 -3.65
N ARG A 37 1.66 -34.95 -4.37
N ARG A 37 1.65 -34.88 -4.45
CA ARG A 37 2.83 -35.60 -3.75
CA ARG A 37 2.94 -35.49 -4.06
C ARG A 37 3.87 -34.50 -3.52
C ARG A 37 3.90 -34.41 -3.53
N LEU A 38 4.80 -34.78 -2.62
CA LEU A 38 5.59 -33.75 -1.99
C LEU A 38 7.11 -34.02 -2.10
N ILE A 39 7.83 -32.94 -2.22
CA ILE A 39 9.31 -32.92 -2.08
C ILE A 39 9.57 -32.15 -0.85
N LEU A 40 9.98 -32.80 0.24
CA LEU A 40 10.27 -32.15 1.51
C LEU A 40 11.66 -31.64 1.53
N ILE A 41 11.84 -30.34 1.82
CA ILE A 41 13.21 -29.74 1.83
C ILE A 41 13.37 -29.04 3.14
N ASP A 42 14.41 -29.37 3.94
CA ASP A 42 14.66 -28.73 5.19
C ASP A 42 16.10 -28.97 5.51
N ARG A 43 16.73 -28.05 6.25
N ARG A 43 16.69 -28.07 6.30
CA ARG A 43 18.12 -28.34 6.65
CA ARG A 43 18.08 -28.29 6.81
C ARG A 43 18.18 -29.17 7.95
C ARG A 43 18.16 -29.27 7.97
N GLU A 44 17.02 -29.47 8.58
CA GLU A 44 17.02 -30.28 9.80
C GLU A 44 16.59 -31.73 9.49
N ALA A 45 17.57 -32.63 9.38
CA ALA A 45 17.31 -34.02 9.14
C ALA A 45 16.33 -34.68 10.11
N ALA A 46 16.53 -34.33 11.39
CA ALA A 46 15.71 -34.98 12.44
C ALA A 46 14.26 -34.54 12.25
N ALA A 47 14.00 -33.31 11.73
CA ALA A 47 12.61 -32.86 11.47
C ALA A 47 12.06 -33.53 10.23
N LEU A 48 12.92 -33.74 9.22
CA LEU A 48 12.45 -34.52 8.07
C LEU A 48 12.22 -36.03 8.45
N ASP A 49 12.94 -36.56 9.46
CA ASP A 49 12.71 -37.97 9.91
C ASP A 49 11.21 -37.99 10.34
N ARG A 50 10.83 -37.05 11.22
CA ARG A 50 9.46 -37.03 11.76
C ARG A 50 8.41 -36.73 10.71
N ALA A 51 8.66 -35.71 9.88
CA ALA A 51 7.68 -35.27 8.84
C ALA A 51 7.47 -36.38 7.82
N ALA A 52 8.57 -37.06 7.40
CA ALA A 52 8.41 -38.13 6.44
C ALA A 52 7.63 -39.32 7.03
N GLN A 53 7.83 -39.60 8.34
CA GLN A 53 7.15 -40.75 8.96
C GLN A 53 5.61 -40.44 8.96
N GLU A 54 5.27 -39.21 9.26
CA GLU A 54 3.81 -38.84 9.32
C GLU A 54 3.26 -38.82 7.85
N LEU A 55 3.92 -38.14 6.94
CA LEU A 55 3.37 -37.96 5.57
C LEU A 55 3.32 -39.18 4.68
N GLY A 56 4.15 -40.19 5.00
CA GLY A 56 4.00 -41.54 4.43
C GLY A 56 4.14 -41.40 2.90
N ALA A 57 3.19 -42.02 2.24
CA ALA A 57 3.28 -42.25 0.82
C ALA A 57 3.11 -40.97 -0.03
N ALA A 58 2.65 -39.88 0.56
CA ALA A 58 2.57 -38.62 -0.22
C ALA A 58 3.97 -38.12 -0.54
N VAL A 59 4.99 -38.56 0.20
CA VAL A 59 6.38 -38.08 0.00
C VAL A 59 6.99 -38.68 -1.28
N ALA A 60 7.27 -37.87 -2.29
CA ALA A 60 8.03 -38.31 -3.48
C ALA A 60 9.53 -38.25 -3.25
N ALA A 61 10.02 -37.31 -2.42
CA ALA A 61 11.40 -37.26 -2.03
C ALA A 61 11.54 -36.47 -0.72
N ARG A 62 12.56 -36.75 0.06
CA ARG A 62 12.93 -35.91 1.21
C ARG A 62 14.41 -35.55 0.94
N ILE A 63 14.71 -34.27 1.05
CA ILE A 63 15.99 -33.71 0.75
C ILE A 63 16.47 -32.82 1.84
N VAL A 64 17.54 -33.24 2.50
CA VAL A 64 18.16 -32.38 3.49
C VAL A 64 19.05 -31.40 2.78
N ALA A 65 18.71 -30.13 2.88
CA ALA A 65 19.45 -29.09 2.13
C ALA A 65 19.22 -27.77 2.87
N ASP A 66 20.19 -26.91 2.73
CA ASP A 66 20.14 -25.56 3.21
C ASP A 66 19.78 -24.62 2.09
N VAL A 67 18.69 -23.87 2.20
CA VAL A 67 18.26 -22.99 1.05
C VAL A 67 19.29 -21.93 0.81
N THR A 68 20.21 -21.63 1.73
CA THR A 68 21.21 -20.60 1.46
C THR A 68 22.31 -21.13 0.52
N ASP A 69 22.34 -22.40 0.23
CA ASP A 69 23.35 -23.00 -0.68
C ASP A 69 22.71 -23.13 -2.03
N ALA A 70 23.06 -22.17 -2.91
CA ALA A 70 22.41 -22.07 -4.25
C ALA A 70 22.61 -23.38 -5.00
N GLU A 71 23.84 -23.94 -4.91
N GLU A 71 23.81 -23.99 -4.95
CA GLU A 71 24.19 -25.14 -5.65
CA GLU A 71 24.05 -25.22 -5.71
C GLU A 71 23.30 -26.29 -5.10
C GLU A 71 23.19 -26.35 -5.12
N ALA A 72 23.01 -26.37 -3.80
CA ALA A 72 22.16 -27.46 -3.21
C ALA A 72 20.73 -27.21 -3.68
N MET A 73 20.26 -25.97 -3.86
CA MET A 73 18.92 -25.79 -4.46
C MET A 73 18.83 -26.25 -5.90
N THR A 74 19.88 -25.88 -6.70
CA THR A 74 19.83 -26.35 -8.11
C THR A 74 19.87 -27.93 -8.17
N ALA A 75 20.64 -28.53 -7.18
CA ALA A 75 20.75 -29.98 -7.22
C ALA A 75 19.42 -30.56 -6.72
N ALA A 76 18.77 -29.92 -5.74
CA ALA A 76 17.50 -30.43 -5.17
C ALA A 76 16.44 -30.45 -6.24
N ALA A 77 16.43 -29.35 -7.10
CA ALA A 77 15.38 -29.32 -8.20
C ALA A 77 15.68 -30.45 -9.22
N ALA A 78 16.98 -30.67 -9.52
CA ALA A 78 17.29 -31.75 -10.46
C ALA A 78 16.91 -33.09 -9.84
N GLU A 79 17.16 -33.28 -8.51
CA GLU A 79 16.84 -34.57 -7.86
C GLU A 79 15.31 -34.75 -7.87
N ALA A 80 14.57 -33.69 -7.54
CA ALA A 80 13.08 -33.77 -7.56
C ALA A 80 12.59 -34.07 -8.96
N GLU A 81 13.09 -33.31 -9.96
CA GLU A 81 12.60 -33.46 -11.34
C GLU A 81 12.84 -34.87 -11.85
N ALA A 82 13.90 -35.51 -11.36
CA ALA A 82 14.17 -36.89 -11.77
C ALA A 82 13.04 -37.83 -11.28
N VAL A 83 12.34 -37.49 -10.13
CA VAL A 83 11.26 -38.30 -9.62
C VAL A 83 9.94 -37.89 -10.26
N ALA A 84 9.62 -36.56 -10.37
CA ALA A 84 8.38 -36.10 -11.03
C ALA A 84 8.51 -34.64 -11.38
N PRO A 85 7.79 -34.16 -12.44
CA PRO A 85 7.81 -32.66 -12.68
C PRO A 85 7.23 -31.97 -11.42
N VAL A 86 7.95 -30.99 -10.93
CA VAL A 86 7.49 -30.14 -9.81
C VAL A 86 6.74 -28.96 -10.34
N SER A 87 5.43 -28.91 -10.04
CA SER A 87 4.61 -27.83 -10.60
C SER A 87 4.22 -26.79 -9.56
N ILE A 88 4.61 -27.02 -8.31
CA ILE A 88 4.31 -26.05 -7.21
C ILE A 88 5.53 -25.96 -6.32
N LEU A 89 5.92 -24.73 -5.96
CA LEU A 89 6.98 -24.54 -4.98
C LEU A 89 6.43 -23.66 -3.86
N VAL A 90 6.66 -24.06 -2.62
CA VAL A 90 6.31 -23.25 -1.38
C VAL A 90 7.63 -22.90 -0.71
N ASN A 91 7.96 -21.61 -0.67
CA ASN A 91 9.16 -21.17 0.00
C ASN A 91 8.80 -20.84 1.45
N SER A 92 8.85 -21.80 2.41
CA SER A 92 8.51 -21.54 3.80
C SER A 92 9.77 -21.53 4.66
N ALA A 93 10.94 -21.97 4.18
CA ALA A 93 12.11 -21.92 5.06
C ALA A 93 12.39 -20.48 5.43
N GLY A 94 12.61 -20.21 6.70
CA GLY A 94 12.83 -18.80 7.14
C GLY A 94 13.24 -18.81 8.56
N ILE A 95 13.85 -17.74 8.99
CA ILE A 95 14.26 -17.57 10.42
C ILE A 95 13.92 -16.19 10.83
N ALA A 96 13.82 -15.98 12.14
CA ALA A 96 13.61 -14.69 12.82
C ALA A 96 14.59 -14.60 13.95
N ARG A 97 15.22 -13.46 14.08
CA ARG A 97 16.17 -13.22 15.19
C ARG A 97 15.86 -11.90 15.75
N LEU A 98 15.68 -11.82 17.07
CA LEU A 98 15.43 -10.54 17.79
C LEU A 98 16.75 -9.84 18.02
N HIS A 99 16.84 -8.55 17.69
CA HIS A 99 18.08 -7.84 17.89
C HIS A 99 17.84 -6.33 17.87
N ASP A 100 18.44 -5.63 18.86
N ASP A 100 18.51 -5.61 18.78
CA ASP A 100 18.60 -4.15 18.88
CA ASP A 100 18.47 -4.14 18.72
C ASP A 100 19.33 -3.78 17.62
C ASP A 100 19.42 -3.64 17.68
N ALA A 101 18.88 -2.75 16.90
CA ALA A 101 19.54 -2.39 15.65
C ALA A 101 20.98 -1.91 15.86
N LEU A 102 21.24 -1.00 16.84
CA LEU A 102 22.58 -0.42 16.90
C LEU A 102 23.58 -1.46 17.33
N GLU A 103 23.18 -2.49 18.08
CA GLU A 103 24.21 -3.45 18.55
CA GLU A 103 24.08 -3.50 18.62
C GLU A 103 24.17 -4.74 17.73
N THR A 104 23.52 -4.72 16.55
CA THR A 104 23.48 -5.90 15.69
C THR A 104 24.84 -6.31 15.30
N ASP A 105 25.13 -7.61 15.38
CA ASP A 105 26.38 -8.14 14.76
C ASP A 105 26.12 -8.33 13.27
N ASP A 106 27.15 -8.21 12.44
CA ASP A 106 27.00 -8.34 11.01
C ASP A 106 26.39 -9.71 10.68
N ALA A 107 26.77 -10.79 11.37
CA ALA A 107 26.32 -12.09 11.11
C ALA A 107 24.83 -12.25 11.25
N THR A 108 24.18 -11.56 12.20
CA THR A 108 22.75 -11.75 12.36
C THR A 108 22.03 -11.17 11.13
N TRP A 109 22.41 -9.93 10.77
CA TRP A 109 21.80 -9.31 9.59
C TRP A 109 21.98 -10.25 8.37
N ARG A 110 23.24 -10.68 8.15
CA ARG A 110 23.52 -11.48 6.95
C ARG A 110 22.78 -12.78 6.98
N GLN A 111 22.71 -13.49 8.14
N GLN A 111 22.63 -13.46 8.10
CA GLN A 111 22.03 -14.82 8.34
CA GLN A 111 22.01 -14.78 8.01
C GLN A 111 20.56 -14.66 7.85
C GLN A 111 20.50 -14.74 7.89
N VAL A 112 19.88 -13.67 8.44
CA VAL A 112 18.46 -13.54 8.26
C VAL A 112 18.15 -13.21 6.78
N MET A 113 18.92 -12.30 6.18
CA MET A 113 18.71 -11.97 4.74
C MET A 113 19.04 -13.20 3.87
N ALA A 114 20.10 -13.96 4.23
CA ALA A 114 20.48 -15.10 3.41
C ALA A 114 19.40 -16.16 3.35
N VAL A 115 18.80 -16.49 4.50
CA VAL A 115 17.79 -17.53 4.47
C VAL A 115 16.49 -17.01 3.85
N ASN A 116 16.04 -15.82 4.34
CA ASN A 116 14.68 -15.42 4.05
C ASN A 116 14.52 -14.84 2.67
N VAL A 117 15.61 -14.27 2.07
CA VAL A 117 15.56 -13.64 0.75
C VAL A 117 16.40 -14.41 -0.22
N ASP A 118 17.70 -14.51 0.06
CA ASP A 118 18.56 -15.14 -0.97
C ASP A 118 18.15 -16.56 -1.19
N GLY A 119 17.87 -17.32 -0.14
CA GLY A 119 17.51 -18.70 -0.30
C GLY A 119 16.17 -18.85 -1.09
N MET A 120 15.23 -17.89 -0.86
CA MET A 120 13.98 -17.95 -1.59
C MET A 120 14.25 -17.71 -3.07
N PHE A 121 15.22 -16.84 -3.44
CA PHE A 121 15.62 -16.66 -4.82
C PHE A 121 16.30 -17.91 -5.33
N TRP A 122 17.25 -18.50 -4.60
CA TRP A 122 17.96 -19.66 -5.17
C TRP A 122 16.95 -20.81 -5.39
N ALA A 123 15.97 -21.01 -4.48
CA ALA A 123 15.01 -22.09 -4.67
C ALA A 123 14.09 -21.77 -5.79
N SER A 124 13.65 -20.50 -5.88
CA SER A 124 12.72 -20.14 -6.99
C SER A 124 13.37 -20.26 -8.34
N ARG A 125 14.62 -19.77 -8.48
CA ARG A 125 15.35 -19.95 -9.76
C ARG A 125 15.50 -21.48 -10.07
N ALA A 126 15.86 -22.28 -9.04
CA ALA A 126 16.15 -23.69 -9.24
C ALA A 126 14.87 -24.45 -9.72
N PHE A 127 13.79 -24.33 -8.96
CA PHE A 127 12.52 -25.08 -9.22
C PHE A 127 11.79 -24.37 -10.36
N GLY A 128 11.89 -23.05 -10.47
CA GLY A 128 11.12 -22.30 -11.50
C GLY A 128 11.62 -22.61 -12.91
N ARG A 129 12.88 -23.02 -13.08
CA ARG A 129 13.41 -23.30 -14.39
C ARG A 129 12.53 -24.30 -15.20
N ALA A 130 12.24 -25.46 -14.61
CA ALA A 130 11.47 -26.46 -15.30
C ALA A 130 10.00 -26.02 -15.41
N MET A 131 9.48 -25.25 -14.44
CA MET A 131 8.10 -24.75 -14.54
C MET A 131 8.02 -23.84 -15.79
N VAL A 132 8.95 -22.88 -15.92
CA VAL A 132 8.97 -22.01 -17.06
C VAL A 132 9.07 -22.76 -18.41
N ALA A 133 9.87 -23.85 -18.38
CA ALA A 133 10.03 -24.62 -19.61
C ALA A 133 8.70 -25.35 -19.94
N ARG A 134 7.91 -25.79 -18.97
CA ARG A 134 6.59 -26.47 -19.13
C ARG A 134 5.50 -25.45 -19.39
N GLY A 135 5.79 -24.15 -19.21
CA GLY A 135 4.79 -23.09 -19.34
C GLY A 135 3.75 -23.17 -18.20
N ALA A 136 4.07 -23.68 -17.04
CA ALA A 136 3.00 -23.80 -16.00
C ALA A 136 3.73 -23.95 -14.67
N GLY A 137 3.17 -23.33 -13.63
CA GLY A 137 3.69 -23.51 -12.29
C GLY A 137 3.00 -22.56 -11.34
N ALA A 138 3.08 -22.86 -10.03
CA ALA A 138 2.62 -21.89 -9.04
C ALA A 138 3.64 -21.91 -7.93
N ILE A 139 3.96 -20.68 -7.51
CA ILE A 139 4.90 -20.52 -6.35
C ILE A 139 4.18 -19.72 -5.34
N VAL A 140 4.34 -20.18 -4.11
CA VAL A 140 3.71 -19.52 -2.89
C VAL A 140 4.85 -19.19 -2.00
N ASN A 141 5.13 -17.92 -1.77
CA ASN A 141 6.14 -17.51 -0.80
C ASN A 141 5.58 -17.13 0.56
N LEU A 142 6.32 -17.44 1.60
CA LEU A 142 5.92 -17.01 2.99
C LEU A 142 6.54 -15.64 3.16
N GLY A 143 5.76 -14.60 2.90
CA GLY A 143 6.01 -13.26 3.32
C GLY A 143 5.58 -13.11 4.77
N SER A 144 5.13 -11.91 5.12
CA SER A 144 4.69 -11.71 6.49
C SER A 144 3.98 -10.41 6.62
N MET A 145 3.14 -10.23 7.63
CA MET A 145 2.77 -8.85 7.88
C MET A 145 4.00 -7.93 8.10
N SER A 146 5.12 -8.53 8.53
CA SER A 146 6.39 -7.82 8.71
C SER A 146 7.04 -7.37 7.43
N GLY A 147 6.47 -7.68 6.20
CA GLY A 147 6.86 -7.07 4.94
C GLY A 147 6.07 -5.86 4.73
N THR A 148 5.03 -5.53 5.43
CA THR A 148 4.11 -4.42 5.24
C THR A 148 4.22 -3.43 6.36
N ILE A 149 4.26 -3.88 7.62
CA ILE A 149 4.35 -3.07 8.85
C ILE A 149 5.53 -3.57 9.64
N VAL A 150 5.73 -2.96 10.81
CA VAL A 150 6.81 -3.30 11.71
C VAL A 150 6.21 -3.79 13.02
N ASN A 151 6.74 -4.97 13.45
CA ASN A 151 6.23 -5.51 14.67
C ASN A 151 6.49 -4.69 15.95
N ARG A 152 5.78 -4.90 17.05
CA ARG A 152 6.05 -4.26 18.32
C ARG A 152 5.70 -5.25 19.40
N PRO A 153 6.41 -5.22 20.56
CA PRO A 153 7.42 -4.28 20.95
C PRO A 153 8.83 -4.73 20.55
N GLN A 154 8.97 -5.97 20.16
CA GLN A 154 10.28 -6.54 19.92
C GLN A 154 10.89 -5.96 18.62
N PHE A 155 12.21 -5.78 18.52
CA PHE A 155 12.90 -5.31 17.35
C PHE A 155 13.62 -6.43 16.70
N ALA A 156 13.55 -6.34 15.35
CA ALA A 156 14.15 -7.36 14.45
C ALA A 156 14.23 -6.72 13.06
N SER A 157 15.04 -5.65 12.93
CA SER A 157 15.02 -4.91 11.68
C SER A 157 15.42 -5.77 10.48
N SER A 158 16.31 -6.78 10.67
CA SER A 158 16.68 -7.66 9.55
C SER A 158 15.48 -8.47 9.08
N TYR A 159 14.59 -8.89 10.00
CA TYR A 159 13.42 -9.61 9.61
C TYR A 159 12.48 -8.75 8.80
N MET A 160 12.22 -7.51 9.22
CA MET A 160 11.32 -6.62 8.45
C MET A 160 11.91 -6.37 7.10
N ALA A 161 13.22 -6.03 6.96
CA ALA A 161 13.82 -5.80 5.69
C ALA A 161 13.71 -7.06 4.82
N SER A 162 13.93 -8.26 5.44
CA SER A 162 13.89 -9.44 4.59
C SER A 162 12.49 -9.65 4.05
N LYS A 163 11.42 -9.39 4.85
CA LYS A 163 10.08 -9.66 4.35
C LYS A 163 9.63 -8.58 3.37
N GLY A 164 10.14 -7.35 3.45
CA GLY A 164 9.90 -6.36 2.34
C GLY A 164 10.50 -6.89 1.09
N ALA A 165 11.70 -7.52 1.15
CA ALA A 165 12.33 -8.06 -0.03
C ALA A 165 11.53 -9.27 -0.51
N VAL A 166 11.02 -10.15 0.35
CA VAL A 166 10.19 -11.31 -0.06
C VAL A 166 9.03 -10.79 -0.89
N HIS A 167 8.31 -9.76 -0.40
CA HIS A 167 7.09 -9.32 -1.11
C HIS A 167 7.47 -8.84 -2.52
N GLN A 168 8.58 -8.02 -2.64
CA GLN A 168 8.94 -7.53 -3.95
C GLN A 168 9.62 -8.62 -4.85
N LEU A 169 10.33 -9.59 -4.24
N LEU A 169 10.29 -9.63 -4.29
CA LEU A 169 10.82 -10.78 -4.96
CA LEU A 169 10.81 -10.71 -5.13
C LEU A 169 9.66 -11.45 -5.64
C LEU A 169 9.64 -11.53 -5.65
N THR A 170 8.63 -11.74 -4.84
CA THR A 170 7.41 -12.39 -5.33
C THR A 170 6.86 -11.68 -6.58
N ARG A 171 6.68 -10.37 -6.41
CA ARG A 171 6.08 -9.58 -7.50
C ARG A 171 7.03 -9.52 -8.69
N ALA A 172 8.34 -9.43 -8.48
CA ALA A 172 9.25 -9.39 -9.63
C ALA A 172 9.17 -10.68 -10.44
N LEU A 173 9.15 -11.83 -9.76
CA LEU A 173 9.10 -13.07 -10.52
C LEU A 173 7.68 -13.23 -11.10
N ALA A 174 6.62 -12.77 -10.42
CA ALA A 174 5.28 -12.85 -11.01
C ALA A 174 5.29 -12.09 -12.33
N ALA A 175 5.88 -10.90 -12.35
CA ALA A 175 5.88 -10.11 -13.60
C ALA A 175 6.71 -10.77 -14.71
N GLU A 176 7.88 -11.27 -14.34
CA GLU A 176 8.82 -11.78 -15.40
C GLU A 176 8.27 -13.09 -15.93
N TRP A 177 7.56 -13.93 -15.13
CA TRP A 177 7.16 -15.28 -15.59
C TRP A 177 5.66 -15.32 -15.99
N ALA A 178 4.98 -14.17 -15.89
CA ALA A 178 3.51 -14.20 -16.15
C ALA A 178 3.19 -14.63 -17.59
N GLY A 179 3.94 -14.19 -18.55
CA GLY A 179 3.67 -14.58 -19.95
C GLY A 179 4.05 -16.04 -20.18
N ARG A 180 4.82 -16.66 -19.31
CA ARG A 180 5.17 -18.07 -19.45
C ARG A 180 4.45 -18.99 -18.48
N GLY A 181 3.34 -18.51 -17.90
CA GLY A 181 2.42 -19.45 -17.24
C GLY A 181 2.70 -19.75 -15.78
N VAL A 182 3.72 -19.11 -15.16
CA VAL A 182 4.05 -19.43 -13.75
C VAL A 182 3.52 -18.28 -12.89
N ARG A 183 2.62 -18.61 -11.97
CA ARG A 183 2.09 -17.60 -11.04
C ARG A 183 2.97 -17.57 -9.80
N VAL A 184 3.14 -16.39 -9.17
CA VAL A 184 4.01 -16.28 -7.99
C VAL A 184 3.28 -15.33 -7.13
N ASN A 185 2.94 -15.80 -5.92
CA ASN A 185 2.16 -15.00 -4.93
C ASN A 185 2.79 -15.15 -3.57
N ALA A 186 2.44 -14.27 -2.64
CA ALA A 186 2.91 -14.41 -1.28
C ALA A 186 1.74 -14.39 -0.29
N LEU A 187 1.90 -15.11 0.86
CA LEU A 187 1.08 -14.91 2.05
C LEU A 187 1.80 -13.93 2.92
N ALA A 188 1.00 -13.07 3.59
CA ALA A 188 1.62 -12.17 4.63
C ALA A 188 0.88 -12.51 5.91
N PRO A 189 1.28 -13.60 6.68
CA PRO A 189 0.56 -13.99 7.93
C PRO A 189 0.83 -12.97 9.00
N GLY A 190 -0.18 -12.94 9.91
CA GLY A 190 0.02 -12.34 11.20
C GLY A 190 0.73 -13.37 12.06
N TYR A 191 0.66 -13.19 13.39
CA TYR A 191 1.32 -14.16 14.30
C TYR A 191 0.65 -15.56 14.16
N VAL A 192 1.49 -16.60 14.03
CA VAL A 192 1.00 -17.97 13.89
C VAL A 192 1.64 -18.79 15.03
N ALA A 193 0.89 -19.73 15.54
CA ALA A 193 1.39 -20.56 16.62
C ALA A 193 2.26 -21.72 16.09
N THR A 194 3.57 -21.45 15.94
CA THR A 194 4.52 -22.49 15.45
C THR A 194 5.77 -22.42 16.35
N GLU A 195 6.76 -23.30 16.11
N GLU A 195 6.76 -23.31 16.10
CA GLU A 195 7.97 -23.28 16.91
CA GLU A 195 8.00 -23.33 16.85
C GLU A 195 8.72 -21.97 16.71
C GLU A 195 8.75 -22.00 16.68
N MET A 196 8.56 -21.30 15.56
CA MET A 196 9.31 -20.05 15.34
C MET A 196 8.92 -19.01 16.45
N THR A 197 7.61 -19.03 16.88
CA THR A 197 7.08 -18.08 17.85
C THR A 197 6.87 -18.61 19.26
N LEU A 198 7.12 -19.92 19.51
CA LEU A 198 6.72 -20.49 20.81
C LEU A 198 7.37 -19.77 21.99
N LYS A 199 8.71 -19.64 22.03
N LYS A 199 8.71 -19.70 21.99
CA LYS A 199 9.27 -19.01 23.23
CA LYS A 199 9.42 -19.03 23.08
C LYS A 199 9.02 -17.49 23.33
C LYS A 199 8.89 -17.61 23.28
N MET A 200 8.77 -16.83 22.18
CA MET A 200 8.24 -15.42 22.24
C MET A 200 6.85 -15.37 22.81
N ARG A 201 5.98 -16.34 22.45
CA ARG A 201 4.61 -16.37 23.04
C ARG A 201 4.61 -16.64 24.54
N GLU A 202 5.72 -17.18 25.03
CA GLU A 202 5.91 -17.39 26.49
C GLU A 202 6.45 -16.19 27.25
N ARG A 203 6.65 -15.05 26.55
CA ARG A 203 7.07 -13.79 27.19
C ARG A 203 5.83 -12.87 27.24
N PRO A 204 5.14 -12.78 28.38
CA PRO A 204 3.94 -11.93 28.46
C PRO A 204 4.17 -10.50 27.84
N GLU A 205 5.34 -9.91 28.14
CA GLU A 205 5.66 -8.54 27.65
C GLU A 205 5.63 -8.44 26.15
N LEU A 206 5.68 -9.54 25.36
N LEU A 206 5.78 -9.54 25.41
CA LEU A 206 5.43 -9.49 23.98
CA LEU A 206 5.61 -9.54 24.01
C LEU A 206 4.01 -9.94 23.68
C LEU A 206 4.15 -9.91 23.71
N PHE A 207 3.66 -11.07 24.22
CA PHE A 207 2.47 -11.77 23.73
C PHE A 207 1.21 -10.95 24.01
N GLU A 208 1.14 -10.25 25.13
CA GLU A 208 -0.05 -9.44 25.43
C GLU A 208 -0.23 -8.33 24.40
N THR A 209 0.89 -7.76 23.94
CA THR A 209 0.80 -6.70 22.99
C THR A 209 0.41 -7.35 21.67
N TRP A 210 0.95 -8.48 21.32
CA TRP A 210 0.59 -9.13 20.00
C TRP A 210 -0.90 -9.34 19.97
N LEU A 211 -1.51 -9.92 20.99
CA LEU A 211 -2.95 -10.20 20.90
C LEU A 211 -3.75 -8.86 20.92
N ASP A 212 -3.32 -7.89 21.72
CA ASP A 212 -4.05 -6.66 21.84
C ASP A 212 -4.08 -5.94 20.44
N MET A 213 -3.03 -6.07 19.68
N MET A 213 -2.99 -6.11 19.70
CA MET A 213 -2.96 -5.38 18.38
CA MET A 213 -2.85 -5.46 18.38
C MET A 213 -3.50 -6.24 17.21
C MET A 213 -3.55 -6.22 17.24
N THR A 214 -4.08 -7.41 17.53
CA THR A 214 -4.73 -8.21 16.46
C THR A 214 -6.23 -8.04 16.65
N PRO A 215 -7.00 -7.49 15.70
CA PRO A 215 -8.45 -7.40 15.92
C PRO A 215 -9.15 -8.69 16.30
N MET A 216 -8.76 -9.84 15.75
N MET A 216 -8.83 -9.79 15.65
CA MET A 216 -9.42 -11.11 16.15
CA MET A 216 -9.36 -11.12 16.09
C MET A 216 -8.88 -11.67 17.46
C MET A 216 -8.99 -11.54 17.50
N GLY A 217 -7.91 -10.99 18.08
CA GLY A 217 -7.54 -11.30 19.49
C GLY A 217 -6.83 -12.61 19.76
N ARG A 218 -6.30 -13.24 18.69
CA ARG A 218 -5.62 -14.57 18.82
C ARG A 218 -4.63 -14.69 17.68
N CYS A 219 -3.65 -15.52 17.88
CA CYS A 219 -2.79 -15.96 16.81
C CYS A 219 -3.57 -16.85 15.84
N GLY A 220 -3.03 -16.91 14.65
CA GLY A 220 -3.53 -17.85 13.68
C GLY A 220 -3.01 -19.26 13.93
N GLU A 221 -3.80 -20.25 13.48
CA GLU A 221 -3.28 -21.63 13.55
C GLU A 221 -2.58 -21.90 12.26
N PRO A 222 -1.62 -22.86 12.24
CA PRO A 222 -0.92 -23.13 10.99
C PRO A 222 -1.91 -23.58 9.93
N SER A 223 -2.97 -24.31 10.19
CA SER A 223 -3.92 -24.73 9.13
C SER A 223 -4.59 -23.54 8.48
N GLU A 224 -4.79 -22.44 9.23
CA GLU A 224 -5.39 -21.21 8.62
C GLU A 224 -4.49 -20.59 7.59
N ILE A 225 -3.17 -20.75 7.79
CA ILE A 225 -2.21 -20.26 6.81
C ILE A 225 -2.11 -21.27 5.64
N ALA A 226 -2.10 -22.56 5.94
CA ALA A 226 -2.00 -23.60 4.95
C ALA A 226 -3.20 -23.56 4.07
N ALA A 227 -4.43 -23.28 4.53
CA ALA A 227 -5.58 -23.23 3.61
C ALA A 227 -5.42 -22.11 2.60
N ALA A 228 -4.87 -20.97 3.06
CA ALA A 228 -4.65 -19.86 2.14
C ALA A 228 -3.55 -20.17 1.12
N ALA A 229 -2.51 -20.90 1.55
CA ALA A 229 -1.47 -21.34 0.57
C ALA A 229 -2.06 -22.28 -0.44
N LEU A 230 -2.97 -23.18 0.05
CA LEU A 230 -3.62 -24.14 -0.90
C LEU A 230 -4.47 -23.40 -1.93
N PHE A 231 -5.20 -22.38 -1.48
CA PHE A 231 -5.87 -21.52 -2.47
C PHE A 231 -4.90 -20.99 -3.54
N LEU A 232 -3.84 -20.36 -3.10
CA LEU A 232 -2.90 -19.70 -4.03
C LEU A 232 -2.17 -20.71 -4.95
N ALA A 233 -1.95 -21.93 -4.42
CA ALA A 233 -1.25 -22.92 -5.27
C ALA A 233 -2.18 -23.60 -6.25
N SER A 234 -3.49 -23.51 -6.07
CA SER A 234 -4.45 -24.27 -6.86
C SER A 234 -4.92 -23.51 -8.05
N PRO A 235 -5.56 -24.22 -8.99
CA PRO A 235 -6.14 -23.50 -10.17
C PRO A 235 -7.21 -22.47 -9.78
N ALA A 236 -7.79 -22.53 -8.54
CA ALA A 236 -8.75 -21.52 -8.19
C ALA A 236 -8.12 -20.14 -8.28
N ALA A 237 -6.81 -20.02 -8.05
CA ALA A 237 -6.12 -18.77 -8.07
C ALA A 237 -5.57 -18.49 -9.47
N SER A 238 -6.18 -18.99 -10.58
CA SER A 238 -5.63 -18.84 -11.93
C SER A 238 -5.50 -17.39 -12.33
N TYR A 239 -6.27 -16.43 -11.78
CA TYR A 239 -6.10 -15.04 -12.17
C TYR A 239 -5.36 -14.23 -11.12
N VAL A 240 -4.71 -14.93 -10.15
CA VAL A 240 -3.99 -14.26 -9.07
C VAL A 240 -2.50 -14.46 -9.33
N THR A 241 -1.78 -13.33 -9.52
CA THR A 241 -0.29 -13.40 -9.59
C THR A 241 0.23 -12.07 -9.09
N GLY A 242 1.32 -12.15 -8.33
CA GLY A 242 1.95 -10.95 -7.74
C GLY A 242 1.19 -10.43 -6.57
N ALA A 243 0.21 -11.19 -6.01
CA ALA A 243 -0.59 -10.70 -4.90
C ALA A 243 0.15 -10.99 -3.60
N ILE A 244 -0.09 -10.07 -2.67
CA ILE A 244 0.37 -10.28 -1.26
C ILE A 244 -0.90 -10.42 -0.40
N LEU A 245 -1.23 -11.62 -0.04
CA LEU A 245 -2.49 -11.87 0.66
C LEU A 245 -2.29 -11.87 2.20
N ALA A 246 -2.89 -10.84 2.86
CA ALA A 246 -2.77 -10.71 4.34
C ALA A 246 -3.64 -11.86 4.94
N VAL A 247 -3.06 -12.61 5.91
CA VAL A 247 -3.82 -13.63 6.64
C VAL A 247 -3.38 -13.37 8.05
N ASP A 248 -4.01 -12.34 8.66
CA ASP A 248 -3.39 -11.74 9.86
C ASP A 248 -4.40 -11.37 10.92
N GLY A 249 -5.61 -11.92 10.85
CA GLY A 249 -6.61 -11.63 11.91
C GLY A 249 -6.96 -10.15 12.00
N GLY A 250 -6.63 -9.41 10.90
CA GLY A 250 -6.88 -7.97 10.82
C GLY A 250 -5.68 -7.12 11.31
N TYR A 251 -4.53 -7.69 11.63
CA TYR A 251 -3.42 -6.92 12.25
C TYR A 251 -3.09 -5.67 11.42
N THR A 252 -2.95 -5.77 10.10
CA THR A 252 -2.56 -4.61 9.23
C THR A 252 -3.73 -3.72 8.96
N VAL A 253 -4.94 -3.98 9.49
CA VAL A 253 -6.05 -3.05 9.27
C VAL A 253 -5.95 -1.84 10.19
N TRP A 254 -5.48 -2.04 11.44
CA TRP A 254 -5.23 -0.93 12.35
C TRP A 254 -3.94 -0.21 12.05
N MET B 1 19.21 24.15 -9.62
N MET B 1 18.97 24.79 -10.34
CA MET B 1 17.98 24.62 -8.88
CA MET B 1 17.81 24.94 -9.40
C MET B 1 18.23 25.73 -7.85
C MET B 1 18.16 25.72 -8.11
N ASP B 2 17.28 26.69 -7.73
CA ASP B 2 17.43 27.61 -6.62
C ASP B 2 16.71 27.08 -5.38
N TYR B 3 17.43 26.43 -4.51
CA TYR B 3 16.77 25.78 -3.39
C TYR B 3 16.29 26.83 -2.39
N ARG B 4 16.74 28.09 -2.43
N ARG B 4 16.83 28.04 -2.56
CA ARG B 4 16.29 29.09 -1.42
CA ARG B 4 16.52 29.16 -1.69
C ARG B 4 14.95 29.71 -1.79
C ARG B 4 15.05 29.45 -1.72
N THR B 5 14.43 29.28 -2.90
CA THR B 5 13.08 29.74 -3.17
C THR B 5 12.15 28.60 -3.58
N VAL B 6 12.65 27.36 -3.74
CA VAL B 6 11.85 26.25 -4.30
C VAL B 6 10.61 25.94 -3.46
N PHE B 7 10.63 26.26 -2.18
CA PHE B 7 9.48 25.95 -1.34
C PHE B 7 8.54 27.15 -1.20
N ARG B 8 8.84 28.26 -1.89
CA ARG B 8 8.04 29.45 -1.77
C ARG B 8 6.94 29.48 -2.84
N LEU B 9 5.94 30.34 -2.58
CA LEU B 9 4.76 30.46 -3.44
C LEU B 9 4.55 31.92 -3.90
N ASP B 10 5.67 32.66 -4.02
CA ASP B 10 5.54 34.08 -4.43
C ASP B 10 4.82 34.24 -5.79
N GLY B 11 3.86 35.12 -5.84
CA GLY B 11 3.11 35.34 -7.11
C GLY B 11 1.92 34.46 -7.28
N ALA B 12 1.81 33.41 -6.45
CA ALA B 12 0.69 32.50 -6.60
C ALA B 12 -0.53 32.91 -5.80
N CYS B 13 -1.71 32.50 -6.27
CA CYS B 13 -2.92 32.66 -5.52
C CYS B 13 -3.46 31.24 -5.25
N ALA B 14 -3.71 30.94 -3.98
CA ALA B 14 -4.19 29.61 -3.53
C ALA B 14 -5.57 29.72 -2.89
N ALA B 15 -6.49 28.82 -3.26
CA ALA B 15 -7.79 28.71 -2.64
C ALA B 15 -7.68 27.64 -1.61
N VAL B 16 -8.26 27.89 -0.43
CA VAL B 16 -8.24 26.88 0.64
C VAL B 16 -9.67 26.73 1.16
N THR B 17 -10.20 25.51 1.02
CA THR B 17 -11.49 25.20 1.71
C THR B 17 -11.26 24.78 3.17
N GLY B 18 -12.24 25.04 4.06
CA GLY B 18 -11.99 24.80 5.49
C GLY B 18 -10.95 25.78 6.03
N ALA B 19 -10.81 26.99 5.40
CA ALA B 19 -9.85 27.98 5.83
C ALA B 19 -10.15 28.62 7.17
N GLY B 20 -11.38 28.47 7.67
CA GLY B 20 -11.76 29.20 8.94
C GLY B 20 -11.19 28.53 10.20
N SER B 21 -10.63 27.36 10.15
CA SER B 21 -10.20 26.64 11.37
C SER B 21 -9.13 25.66 11.10
N GLY B 22 -8.50 25.19 12.19
CA GLY B 22 -7.76 23.97 12.22
C GLY B 22 -6.63 23.95 11.21
N ILE B 23 -6.50 22.81 10.53
CA ILE B 23 -5.45 22.58 9.60
C ILE B 23 -5.52 23.61 8.45
N GLY B 24 -6.76 23.84 7.91
CA GLY B 24 -6.90 24.75 6.82
C GLY B 24 -6.45 26.14 7.12
N LEU B 25 -6.77 26.65 8.34
CA LEU B 25 -6.29 27.97 8.75
C LEU B 25 -4.76 28.00 8.86
N GLU B 26 -4.19 26.91 9.49
CA GLU B 26 -2.72 26.89 9.56
C GLU B 26 -2.04 26.87 8.16
N ILE B 27 -2.64 26.11 7.26
CA ILE B 27 -2.13 26.11 5.87
C ILE B 27 -2.20 27.52 5.29
N CYS B 28 -3.25 28.28 5.58
CA CYS B 28 -3.30 29.65 5.08
C CYS B 28 -2.14 30.42 5.71
N ARG B 29 -1.85 30.27 6.99
CA ARG B 29 -0.72 30.98 7.61
CA ARG B 29 -0.70 30.95 7.61
C ARG B 29 0.57 30.59 6.87
N ALA B 30 0.77 29.29 6.58
CA ALA B 30 2.03 28.85 5.92
C ALA B 30 2.11 29.43 4.50
N PHE B 31 0.99 29.44 3.83
CA PHE B 31 1.00 29.91 2.42
C PHE B 31 1.21 31.41 2.37
N ALA B 32 0.61 32.18 3.33
CA ALA B 32 0.84 33.64 3.37
C ALA B 32 2.29 33.91 3.73
N ALA B 33 2.92 33.16 4.63
CA ALA B 33 4.36 33.36 5.02
C ALA B 33 5.22 33.07 3.79
N SER B 34 4.70 32.25 2.84
CA SER B 34 5.48 31.85 1.64
C SER B 34 5.21 32.70 0.38
N GLY B 35 4.44 33.80 0.55
CA GLY B 35 4.25 34.76 -0.53
C GLY B 35 2.99 34.60 -1.33
N ALA B 36 2.13 33.63 -0.95
CA ALA B 36 0.86 33.44 -1.71
C ALA B 36 -0.19 34.46 -1.30
N ARG B 37 -1.07 34.76 -2.27
CA ARG B 37 -2.35 35.42 -1.96
C ARG B 37 -3.35 34.32 -1.74
N LEU B 38 -4.42 34.62 -1.05
CA LEU B 38 -5.36 33.54 -0.59
C LEU B 38 -6.84 33.83 -0.91
N ILE B 39 -7.52 32.81 -1.32
CA ILE B 39 -8.97 32.78 -1.38
C ILE B 39 -9.45 31.89 -0.28
N LEU B 40 -10.04 32.51 0.74
CA LEU B 40 -10.46 31.77 1.92
C LEU B 40 -11.90 31.24 1.71
N ILE B 41 -12.13 29.94 1.87
CA ILE B 41 -13.47 29.36 1.63
C ILE B 41 -13.92 28.59 2.86
N ASP B 42 -15.11 28.85 3.38
CA ASP B 42 -15.54 28.10 4.55
C ASP B 42 -17.05 28.32 4.58
N ARG B 43 -17.81 27.39 5.20
CA ARG B 43 -19.23 27.65 5.39
C ARG B 43 -19.51 28.61 6.51
N GLU B 44 -18.60 28.80 7.45
N GLU B 44 -18.51 28.93 7.37
CA GLU B 44 -18.90 29.59 8.64
CA GLU B 44 -18.66 29.68 8.62
C GLU B 44 -18.28 30.98 8.54
C GLU B 44 -18.18 31.10 8.38
N ALA B 45 -19.15 31.98 8.32
CA ALA B 45 -18.80 33.41 8.04
C ALA B 45 -17.90 34.00 9.17
N ALA B 46 -18.31 33.71 10.44
CA ALA B 46 -17.54 34.35 11.53
C ALA B 46 -16.15 33.78 11.59
N ALA B 47 -15.96 32.54 11.16
CA ALA B 47 -14.57 31.98 11.15
C ALA B 47 -13.72 32.60 10.03
N LEU B 48 -14.35 32.86 8.89
CA LEU B 48 -13.63 33.60 7.89
C LEU B 48 -13.28 35.00 8.29
N ASP B 49 -14.17 35.65 9.06
CA ASP B 49 -13.81 37.01 9.54
C ASP B 49 -12.65 37.00 10.48
N ARG B 50 -12.53 35.98 11.33
CA ARG B 50 -11.35 35.86 12.17
C ARG B 50 -10.11 35.57 11.33
N ALA B 51 -10.24 34.60 10.42
CA ALA B 51 -9.05 34.22 9.57
C ALA B 51 -8.54 35.44 8.82
N ALA B 52 -9.47 36.25 8.28
CA ALA B 52 -9.05 37.34 7.41
C ALA B 52 -8.36 38.46 8.17
N GLN B 53 -8.50 38.48 9.45
CA GLN B 53 -7.68 39.43 10.30
C GLN B 53 -6.33 38.88 10.64
N GLU B 54 -6.09 37.56 10.58
CA GLU B 54 -4.86 36.87 11.07
C GLU B 54 -3.83 36.71 9.92
N LEU B 55 -4.56 37.07 8.80
N LEU B 55 -4.02 37.09 8.63
CA LEU B 55 -4.07 37.07 7.40
CA LEU B 55 -3.07 36.62 7.52
C LEU B 55 -4.05 38.41 6.67
C LEU B 55 -2.30 37.80 6.87
N GLY B 56 -4.88 39.38 7.11
N GLY B 56 -2.01 38.85 7.64
CA GLY B 56 -4.71 40.66 6.35
CA GLY B 56 -1.30 40.02 7.04
C GLY B 56 -4.54 40.73 4.78
C GLY B 56 -2.08 40.58 5.85
N ALA B 57 -3.43 41.39 4.38
N ALA B 57 -1.35 40.98 4.83
CA ALA B 57 -3.29 41.68 2.98
CA ALA B 57 -1.94 41.61 3.63
C ALA B 57 -3.06 40.39 2.20
C ALA B 57 -2.27 40.57 2.48
N ALA B 58 -2.51 39.27 2.84
CA ALA B 58 -2.45 38.11 1.88
C ALA B 58 -3.84 37.75 1.35
N VAL B 59 -4.93 38.24 1.95
CA VAL B 59 -6.27 37.73 1.63
C VAL B 59 -6.71 38.45 0.37
N ALA B 60 -6.95 37.68 -0.72
CA ALA B 60 -7.44 38.23 -1.98
C ALA B 60 -9.00 38.18 -2.02
N ALA B 61 -9.64 37.19 -1.36
CA ALA B 61 -11.10 37.11 -1.31
C ALA B 61 -11.45 36.20 -0.16
N ARG B 62 -12.68 36.39 0.31
N ARG B 62 -12.57 36.44 0.53
CA ARG B 62 -13.29 35.66 1.38
CA ARG B 62 -13.21 35.46 1.41
C ARG B 62 -14.66 35.15 0.98
C ARG B 62 -14.50 35.13 0.78
N ILE B 63 -14.81 33.86 0.80
CA ILE B 63 -16.07 33.34 0.11
C ILE B 63 -16.75 32.37 1.13
N VAL B 64 -17.93 32.77 1.62
CA VAL B 64 -18.72 31.91 2.46
C VAL B 64 -19.42 30.95 1.53
N ALA B 65 -19.16 29.64 1.66
CA ALA B 65 -19.75 28.65 0.68
C ALA B 65 -19.63 27.30 1.32
N ASP B 66 -20.59 26.47 0.94
N ASP B 66 -20.66 26.47 1.17
CA ASP B 66 -20.73 25.12 1.41
CA ASP B 66 -20.63 25.06 1.62
C ASP B 66 -20.09 24.29 0.27
C ASP B 66 -20.19 24.16 0.42
N VAL B 67 -19.08 23.45 0.66
CA VAL B 67 -18.44 22.62 -0.41
C VAL B 67 -19.38 21.54 -0.97
N THR B 68 -20.45 21.18 -0.24
CA THR B 68 -21.38 20.18 -0.72
C THR B 68 -22.33 20.78 -1.79
N ASP B 69 -22.32 22.10 -1.98
CA ASP B 69 -23.17 22.73 -2.96
C ASP B 69 -22.32 22.92 -4.19
N ALA B 70 -22.54 22.03 -5.20
CA ALA B 70 -21.71 22.04 -6.37
C ALA B 70 -21.76 23.39 -7.07
N GLU B 71 -22.98 23.95 -7.22
CA GLU B 71 -23.10 25.25 -7.95
C GLU B 71 -22.38 26.37 -7.18
N ALA B 72 -22.39 26.29 -5.82
CA ALA B 72 -21.66 27.30 -5.04
C ALA B 72 -20.13 27.15 -5.24
N MET B 73 -19.62 25.91 -5.43
CA MET B 73 -18.20 25.71 -5.75
C MET B 73 -17.89 26.27 -7.11
N THR B 74 -18.72 25.97 -8.12
CA THR B 74 -18.40 26.56 -9.45
C THR B 74 -18.49 28.08 -9.44
N ALA B 75 -19.45 28.61 -8.64
CA ALA B 75 -19.52 30.12 -8.49
C ALA B 75 -18.26 30.66 -7.81
N ALA B 76 -17.83 29.92 -6.74
CA ALA B 76 -16.65 30.37 -5.92
C ALA B 76 -15.42 30.45 -6.87
N ALA B 77 -15.27 29.42 -7.71
CA ALA B 77 -14.11 29.48 -8.64
C ALA B 77 -14.19 30.66 -9.59
N ALA B 78 -15.38 30.92 -10.12
CA ALA B 78 -15.50 32.04 -11.06
C ALA B 78 -15.24 33.37 -10.31
N GLU B 79 -15.76 33.44 -9.03
CA GLU B 79 -15.52 34.69 -8.22
C GLU B 79 -14.01 34.87 -7.96
N ALA B 80 -13.34 33.78 -7.64
CA ALA B 80 -11.93 33.84 -7.38
C ALA B 80 -11.12 34.25 -8.62
N GLU B 81 -11.45 33.57 -9.75
CA GLU B 81 -10.69 33.77 -10.98
C GLU B 81 -10.89 35.22 -11.48
N ALA B 82 -12.03 35.87 -11.08
CA ALA B 82 -12.14 37.29 -11.52
C ALA B 82 -11.15 38.17 -10.73
N VAL B 83 -10.80 37.73 -9.52
CA VAL B 83 -9.80 38.42 -8.71
C VAL B 83 -8.37 38.09 -9.17
N ALA B 84 -8.03 36.80 -9.30
CA ALA B 84 -6.62 36.41 -9.63
C ALA B 84 -6.71 34.97 -10.18
N PRO B 85 -5.80 34.53 -11.05
CA PRO B 85 -5.77 33.12 -11.47
C PRO B 85 -5.40 32.31 -10.22
N VAL B 86 -6.17 31.29 -9.95
CA VAL B 86 -5.91 30.41 -8.81
C VAL B 86 -5.08 29.21 -9.27
N SER B 87 -3.86 29.09 -8.79
CA SER B 87 -2.94 28.03 -9.25
C SER B 87 -2.78 26.92 -8.21
N ILE B 88 -3.35 27.14 -7.06
CA ILE B 88 -3.22 26.12 -5.92
C ILE B 88 -4.60 25.97 -5.33
N LEU B 89 -5.01 24.74 -5.03
CA LEU B 89 -6.26 24.48 -4.31
C LEU B 89 -5.89 23.55 -3.17
N VAL B 90 -6.35 23.86 -1.96
CA VAL B 90 -6.23 22.94 -0.79
C VAL B 90 -7.65 22.56 -0.35
N ASN B 91 -7.98 21.28 -0.40
CA ASN B 91 -9.30 20.80 0.09
C ASN B 91 -9.20 20.35 1.53
N SER B 92 -9.40 21.31 2.42
CA SER B 92 -9.33 20.96 3.82
C SER B 92 -10.72 20.85 4.54
N ALA B 93 -11.79 21.35 3.90
CA ALA B 93 -13.09 21.22 4.52
C ALA B 93 -13.37 19.75 4.78
N GLY B 94 -13.83 19.34 5.96
CA GLY B 94 -14.15 17.95 6.16
C GLY B 94 -14.73 17.88 7.54
N ILE B 95 -15.40 16.76 7.81
CA ILE B 95 -16.05 16.48 9.07
C ILE B 95 -15.78 15.03 9.48
N ALA B 96 -15.98 14.81 10.76
CA ALA B 96 -15.80 13.45 11.30
C ALA B 96 -16.94 13.25 12.30
N ARG B 97 -17.63 12.14 12.22
CA ARG B 97 -18.75 11.82 13.11
CA ARG B 97 -18.73 11.85 13.18
C ARG B 97 -18.59 10.40 13.70
N LEU B 98 -18.61 10.23 14.97
CA LEU B 98 -18.54 8.87 15.55
C LEU B 98 -19.87 8.18 15.38
N HIS B 99 -19.84 6.93 14.95
CA HIS B 99 -21.07 6.15 14.91
C HIS B 99 -20.71 4.66 14.90
N ASP B 100 -21.46 3.83 15.64
CA ASP B 100 -21.33 2.45 15.51
C ASP B 100 -22.08 1.96 14.23
N ALA B 101 -21.50 1.03 13.46
CA ALA B 101 -22.04 0.70 12.10
C ALA B 101 -23.51 0.28 12.19
N LEU B 102 -23.81 -0.62 13.16
CA LEU B 102 -25.23 -1.13 13.32
C LEU B 102 -26.20 -0.08 13.81
N GLU B 103 -25.73 1.04 14.33
CA GLU B 103 -26.62 2.08 14.79
C GLU B 103 -26.47 3.33 14.07
N THR B 104 -26.02 3.27 12.86
CA THR B 104 -25.75 4.46 12.05
C THR B 104 -27.02 5.08 11.54
N ASP B 105 -27.23 6.36 11.77
N ASP B 105 -27.13 6.40 11.74
CA ASP B 105 -28.36 6.99 11.06
CA ASP B 105 -28.17 7.29 11.15
C ASP B 105 -27.87 7.20 9.64
C ASP B 105 -27.88 7.46 9.61
N ASP B 106 -28.78 7.07 8.69
CA ASP B 106 -28.46 7.22 7.26
C ASP B 106 -27.93 8.62 6.96
N ALA B 107 -28.49 9.65 7.64
CA ALA B 107 -28.08 11.00 7.34
C ALA B 107 -26.62 11.23 7.74
N THR B 108 -26.14 10.57 8.80
CA THR B 108 -24.75 10.79 9.20
C THR B 108 -23.81 10.19 8.15
N TRP B 109 -24.09 8.96 7.66
CA TRP B 109 -23.28 8.39 6.58
C TRP B 109 -23.27 9.37 5.40
N ARG B 110 -24.42 9.81 4.94
CA ARG B 110 -24.58 10.62 3.80
CA ARG B 110 -24.49 10.63 3.73
C ARG B 110 -23.83 11.96 3.96
N GLN B 111 -23.93 12.56 5.17
CA GLN B 111 -23.32 13.90 5.33
C GLN B 111 -21.76 13.84 5.27
N VAL B 112 -21.24 12.82 5.96
CA VAL B 112 -19.78 12.65 6.02
C VAL B 112 -19.27 12.41 4.61
N MET B 113 -19.90 11.50 3.88
N MET B 113 -19.92 11.61 3.79
CA MET B 113 -19.50 11.27 2.48
CA MET B 113 -19.45 11.44 2.39
C MET B 113 -19.69 12.55 1.59
C MET B 113 -19.59 12.74 1.60
N ALA B 114 -20.73 13.40 1.83
CA ALA B 114 -20.99 14.59 1.04
C ALA B 114 -19.91 15.65 1.23
N VAL B 115 -19.52 15.94 2.49
CA VAL B 115 -18.51 16.95 2.69
C VAL B 115 -17.13 16.42 2.26
N ASN B 116 -16.78 15.21 2.71
CA ASN B 116 -15.38 14.78 2.63
C ASN B 116 -14.98 14.35 1.22
N VAL B 117 -15.96 13.86 0.47
CA VAL B 117 -15.68 13.26 -0.87
C VAL B 117 -16.34 14.14 -1.91
N ASP B 118 -17.71 14.21 -1.87
CA ASP B 118 -18.40 14.90 -2.99
C ASP B 118 -17.93 16.34 -3.03
N GLY B 119 -17.79 17.02 -1.86
CA GLY B 119 -17.43 18.40 -1.85
C GLY B 119 -16.01 18.63 -2.32
N MET B 120 -15.13 17.63 -2.01
CA MET B 120 -13.79 17.70 -2.62
C MET B 120 -13.81 17.57 -4.15
N PHE B 121 -14.68 16.73 -4.71
CA PHE B 121 -14.80 16.70 -6.14
C PHE B 121 -15.45 17.96 -6.69
N TRP B 122 -16.48 18.51 -6.08
CA TRP B 122 -17.03 19.74 -6.68
C TRP B 122 -16.01 20.84 -6.65
N ALA B 123 -15.27 21.02 -5.51
CA ALA B 123 -14.28 22.09 -5.46
C ALA B 123 -13.15 21.80 -6.46
N SER B 124 -12.67 20.55 -6.58
CA SER B 124 -11.53 20.26 -7.48
C SER B 124 -11.96 20.48 -8.94
N ARG B 125 -13.16 20.07 -9.31
CA ARG B 125 -13.67 20.33 -10.63
C ARG B 125 -13.78 21.85 -10.84
N ALA B 126 -14.34 22.56 -9.87
CA ALA B 126 -14.57 23.99 -10.07
C ALA B 126 -13.27 24.72 -10.30
N PHE B 127 -12.34 24.57 -9.33
CA PHE B 127 -11.07 25.32 -9.36
C PHE B 127 -10.10 24.71 -10.42
N GLY B 128 -10.14 23.35 -10.61
CA GLY B 128 -9.19 22.69 -11.52
C GLY B 128 -9.48 23.13 -12.95
N ARG B 129 -10.66 23.65 -13.30
N ARG B 129 -10.74 23.58 -13.24
CA ARG B 129 -10.90 23.85 -14.74
CA ARG B 129 -11.14 23.93 -14.62
C ARG B 129 -9.95 24.93 -15.24
C ARG B 129 -10.17 24.91 -15.20
N ALA B 130 -9.86 26.07 -14.53
CA ALA B 130 -8.98 27.10 -15.06
C ALA B 130 -7.50 26.69 -14.98
N MET B 131 -7.12 25.85 -14.00
CA MET B 131 -5.75 25.37 -13.97
C MET B 131 -5.46 24.51 -15.20
N VAL B 132 -6.36 23.60 -15.51
CA VAL B 132 -6.17 22.77 -16.73
C VAL B 132 -6.12 23.69 -18.02
N ALA B 133 -6.93 24.75 -18.04
CA ALA B 133 -6.94 25.66 -19.16
C ALA B 133 -5.59 26.40 -19.33
N ARG B 134 -4.98 26.70 -18.14
CA ARG B 134 -3.66 27.37 -18.14
C ARG B 134 -2.49 26.36 -18.37
N GLY B 135 -2.75 25.08 -18.13
CA GLY B 135 -1.67 24.11 -18.16
C GLY B 135 -0.75 24.05 -16.98
N ALA B 136 -1.27 24.51 -15.84
CA ALA B 136 -0.45 24.52 -14.56
C ALA B 136 -1.38 24.53 -13.36
N GLY B 137 -0.97 23.82 -12.32
CA GLY B 137 -1.74 23.95 -11.05
C GLY B 137 -1.22 22.94 -10.05
N ALA B 138 -1.66 23.04 -8.80
CA ALA B 138 -1.28 22.05 -7.78
C ALA B 138 -2.47 21.99 -6.82
N ILE B 139 -2.89 20.78 -6.57
CA ILE B 139 -4.00 20.56 -5.59
C ILE B 139 -3.44 19.69 -4.44
N VAL B 140 -3.82 20.07 -3.22
CA VAL B 140 -3.44 19.28 -2.08
C VAL B 140 -4.74 18.94 -1.34
N ASN B 141 -5.04 17.66 -1.21
CA ASN B 141 -6.21 17.18 -0.50
C ASN B 141 -5.87 16.72 0.86
N LEU B 142 -6.75 16.99 1.85
CA LEU B 142 -6.55 16.43 3.20
C LEU B 142 -7.22 15.04 3.24
N GLY B 143 -6.38 14.05 3.01
CA GLY B 143 -6.75 12.62 3.28
C GLY B 143 -6.55 12.39 4.76
N SER B 144 -6.15 11.16 5.10
CA SER B 144 -5.98 10.83 6.52
C SER B 144 -5.26 9.54 6.60
N MET B 145 -4.60 9.23 7.72
CA MET B 145 -4.24 7.83 7.94
C MET B 145 -5.50 6.97 7.88
N SER B 146 -6.71 7.50 8.14
CA SER B 146 -7.99 6.76 8.04
C SER B 146 -8.36 6.41 6.61
N GLY B 147 -7.60 6.88 5.58
CA GLY B 147 -7.80 6.35 4.24
C GLY B 147 -6.94 5.15 3.91
N THR B 148 -6.08 4.77 4.90
CA THR B 148 -5.12 3.68 4.72
C THR B 148 -5.39 2.58 5.77
N ILE B 149 -5.59 3.00 7.00
CA ILE B 149 -5.86 2.05 8.15
C ILE B 149 -7.19 2.46 8.78
N VAL B 150 -7.60 1.77 9.86
CA VAL B 150 -8.84 2.06 10.52
C VAL B 150 -8.47 2.47 11.96
N ASN B 151 -9.04 3.57 12.45
CA ASN B 151 -8.70 4.02 13.84
C ASN B 151 -9.18 3.05 14.91
N ARG B 152 -8.50 3.12 16.05
N ARG B 152 -8.65 3.20 16.12
CA ARG B 152 -8.84 2.34 17.26
CA ARG B 152 -9.17 2.40 17.25
C ARG B 152 -8.87 3.32 18.46
C ARG B 152 -8.92 3.24 18.51
N PRO B 153 -9.78 3.12 19.51
CA PRO B 153 -10.88 2.13 19.59
C PRO B 153 -12.22 2.66 18.95
N GLN B 154 -12.30 3.97 18.65
CA GLN B 154 -13.59 4.56 18.26
C GLN B 154 -13.99 4.08 16.94
N PHE B 155 -15.29 4.04 16.68
CA PHE B 155 -15.84 3.65 15.35
C PHE B 155 -16.46 4.84 14.63
N ALA B 156 -16.17 4.85 13.32
CA ALA B 156 -16.68 5.89 12.42
C ALA B 156 -16.45 5.39 10.97
N SER B 157 -17.20 4.35 10.61
CA SER B 157 -16.88 3.69 9.34
C SER B 157 -17.14 4.68 8.19
N SER B 158 -18.03 5.70 8.27
CA SER B 158 -18.19 6.63 7.16
C SER B 158 -16.95 7.49 6.91
N TYR B 159 -16.21 7.81 8.02
CA TYR B 159 -14.99 8.57 7.89
C TYR B 159 -13.94 7.74 7.22
N MET B 160 -13.76 6.49 7.59
CA MET B 160 -12.72 5.62 6.92
C MET B 160 -13.10 5.49 5.46
N ALA B 161 -14.35 5.21 5.16
CA ALA B 161 -14.72 5.09 3.75
C ALA B 161 -14.50 6.39 2.98
N SER B 162 -14.85 7.54 3.58
CA SER B 162 -14.70 8.80 2.90
C SER B 162 -13.21 9.06 2.59
N LYS B 163 -12.30 8.69 3.53
CA LYS B 163 -10.89 8.99 3.28
C LYS B 163 -10.27 7.99 2.30
N GLY B 164 -10.75 6.76 2.25
CA GLY B 164 -10.32 5.87 1.14
C GLY B 164 -10.73 6.48 -0.19
N ALA B 165 -11.92 7.10 -0.27
CA ALA B 165 -12.35 7.76 -1.50
C ALA B 165 -11.48 8.98 -1.74
N VAL B 166 -11.15 9.79 -0.71
CA VAL B 166 -10.26 10.94 -1.00
C VAL B 166 -8.99 10.47 -1.60
N HIS B 167 -8.36 9.43 -1.08
CA HIS B 167 -7.03 9.05 -1.65
C HIS B 167 -7.19 8.63 -3.12
N GLN B 168 -8.23 7.87 -3.43
CA GLN B 168 -8.38 7.47 -4.85
C GLN B 168 -8.84 8.65 -5.76
N LEU B 169 -9.63 9.55 -5.25
CA LEU B 169 -10.03 10.72 -6.01
C LEU B 169 -8.76 11.55 -6.37
N THR B 170 -7.90 11.71 -5.35
CA THR B 170 -6.60 12.40 -5.56
C THR B 170 -5.89 11.75 -6.72
N ARG B 171 -5.72 10.44 -6.66
CA ARG B 171 -4.99 9.69 -7.65
C ARG B 171 -5.67 9.77 -8.98
N ALA B 172 -6.99 9.69 -9.05
CA ALA B 172 -7.71 9.76 -10.33
C ALA B 172 -7.45 11.05 -11.05
N LEU B 173 -7.59 12.18 -10.29
CA LEU B 173 -7.37 13.47 -10.88
C LEU B 173 -5.92 13.67 -11.25
N ALA B 174 -4.98 13.13 -10.41
CA ALA B 174 -3.59 13.22 -10.76
C ALA B 174 -3.36 12.59 -12.12
N ALA B 175 -3.93 11.38 -12.32
CA ALA B 175 -3.70 10.70 -13.65
C ALA B 175 -4.35 11.48 -14.78
N GLU B 176 -5.57 11.97 -14.55
CA GLU B 176 -6.34 12.59 -15.67
C GLU B 176 -5.75 13.94 -16.00
N TRP B 177 -5.13 14.65 -15.10
CA TRP B 177 -4.65 16.00 -15.41
C TRP B 177 -3.12 16.10 -15.53
N ALA B 178 -2.45 14.97 -15.37
CA ALA B 178 -0.97 14.99 -15.40
C ALA B 178 -0.45 15.60 -16.72
N GLY B 179 -1.10 15.26 -17.88
CA GLY B 179 -0.62 15.71 -19.13
C GLY B 179 -0.94 17.19 -19.38
N ARG B 180 -1.78 17.71 -18.51
N ARG B 180 -1.67 17.87 -18.51
CA ARG B 180 -2.24 19.08 -18.55
CA ARG B 180 -1.89 19.36 -18.66
C ARG B 180 -1.63 19.94 -17.44
C ARG B 180 -1.31 20.13 -17.54
N GLY B 181 -0.51 19.46 -16.75
CA GLY B 181 0.35 20.28 -15.93
C GLY B 181 -0.24 20.47 -14.55
N VAL B 182 -1.30 19.76 -14.07
CA VAL B 182 -1.87 19.99 -12.76
C VAL B 182 -1.57 18.78 -11.90
N ARG B 183 -0.78 19.03 -10.87
CA ARG B 183 -0.40 17.95 -9.88
C ARG B 183 -1.50 17.83 -8.87
N VAL B 184 -1.79 16.61 -8.35
CA VAL B 184 -2.85 16.42 -7.30
C VAL B 184 -2.27 15.42 -6.35
N ASN B 185 -2.15 15.80 -5.06
CA ASN B 185 -1.55 14.92 -4.07
C ASN B 185 -2.44 15.01 -2.83
N ALA B 186 -2.21 14.07 -1.93
CA ALA B 186 -2.95 14.11 -0.63
C ALA B 186 -1.97 13.96 0.51
N LEU B 187 -2.28 14.63 1.63
CA LEU B 187 -1.67 14.35 2.96
C LEU B 187 -2.54 13.29 3.59
N ALA B 188 -1.84 12.41 4.36
CA ALA B 188 -2.55 11.44 5.21
C ALA B 188 -2.07 11.66 6.65
N PRO B 189 -2.61 12.67 7.32
CA PRO B 189 -2.11 12.94 8.68
C PRO B 189 -2.51 11.90 9.68
N GLY B 190 -1.72 11.74 10.77
CA GLY B 190 -2.14 11.06 11.95
C GLY B 190 -2.95 11.98 12.77
N TYR B 191 -3.09 11.70 14.09
CA TYR B 191 -3.92 12.61 14.93
C TYR B 191 -3.23 13.97 14.99
N VAL B 192 -4.01 15.02 14.85
CA VAL B 192 -3.51 16.39 14.89
C VAL B 192 -4.27 17.14 15.94
N ALA B 193 -3.51 17.95 16.66
CA ALA B 193 -4.04 18.68 17.81
C ALA B 193 -4.83 19.92 17.31
N THR B 194 -6.05 19.75 16.77
CA THR B 194 -7.06 20.80 16.34
C THR B 194 -8.46 20.68 16.98
N GLU B 195 -9.32 21.52 16.35
N GLU B 195 -9.38 21.63 16.69
CA GLU B 195 -10.74 21.74 16.58
CA GLU B 195 -10.79 21.51 17.10
C GLU B 195 -11.68 20.58 16.27
C GLU B 195 -11.59 20.25 16.60
N MET B 196 -11.19 19.66 15.48
CA MET B 196 -11.93 18.44 15.05
C MET B 196 -11.79 17.31 16.11
N THR B 197 -10.59 17.25 16.74
CA THR B 197 -10.19 16.11 17.65
C THR B 197 -10.24 16.44 19.19
N LEU B 198 -10.67 17.61 19.62
CA LEU B 198 -10.39 18.10 21.09
C LEU B 198 -11.27 17.35 22.07
N LYS B 199 -12.54 17.14 21.66
CA LYS B 199 -13.52 16.31 22.44
C LYS B 199 -13.07 14.82 22.66
N MET B 200 -12.65 14.15 21.53
CA MET B 200 -12.08 12.82 21.73
C MET B 200 -10.70 12.81 22.52
N ARG B 201 -9.86 13.84 22.33
CA ARG B 201 -8.60 13.93 23.10
CA ARG B 201 -8.60 14.07 23.07
C ARG B 201 -8.87 14.15 24.61
N GLU B 202 -10.10 14.40 24.97
CA GLU B 202 -10.42 14.58 26.43
C GLU B 202 -11.05 13.30 27.17
N ARG B 203 -11.09 12.20 26.41
CA ARG B 203 -11.59 10.87 26.83
C ARG B 203 -10.35 9.98 26.85
N PRO B 204 -9.75 9.75 28.01
CA PRO B 204 -8.52 8.90 28.13
C PRO B 204 -8.73 7.50 27.48
N GLU B 205 -9.98 6.98 27.53
CA GLU B 205 -10.20 5.64 26.94
C GLU B 205 -9.97 5.65 25.42
N LEU B 206 -9.96 6.83 24.78
CA LEU B 206 -9.51 6.96 23.39
C LEU B 206 -8.07 7.42 23.40
N PHE B 207 -7.75 8.55 24.05
CA PHE B 207 -6.50 9.27 23.78
C PHE B 207 -5.25 8.45 24.14
N GLU B 208 -5.34 7.67 25.25
CA GLU B 208 -4.19 6.88 25.70
C GLU B 208 -3.86 5.85 24.58
N THR B 209 -4.88 5.27 23.91
CA THR B 209 -4.65 4.31 22.82
C THR B 209 -4.04 5.05 21.61
N TRP B 210 -4.56 6.23 21.33
CA TRP B 210 -4.06 6.94 20.17
C TRP B 210 -2.59 7.20 20.35
N LEU B 211 -2.13 7.64 21.52
CA LEU B 211 -0.68 7.91 21.74
C LEU B 211 0.08 6.60 21.74
N ASP B 212 -0.42 5.54 22.40
CA ASP B 212 0.30 4.28 22.46
C ASP B 212 0.50 3.70 21.07
N MET B 213 -0.35 3.98 20.07
N MET B 213 -0.44 3.98 20.14
CA MET B 213 -0.16 3.40 18.75
CA MET B 213 -0.44 3.56 18.72
C MET B 213 0.51 4.40 17.80
C MET B 213 0.50 4.38 17.83
N THR B 214 1.01 5.51 18.33
CA THR B 214 1.84 6.44 17.53
C THR B 214 3.28 6.31 17.92
N PRO B 215 4.23 5.87 17.07
CA PRO B 215 5.60 5.71 17.52
C PRO B 215 6.22 7.01 18.11
N MET B 216 5.87 8.20 17.60
CA MET B 216 6.41 9.45 18.16
C MET B 216 5.72 9.80 19.47
N GLY B 217 4.60 9.13 19.83
CA GLY B 217 4.06 9.25 21.21
C GLY B 217 3.33 10.59 21.43
N ARG B 218 2.94 11.31 20.36
CA ARG B 218 2.25 12.58 20.48
C ARG B 218 1.41 12.79 19.27
N CYS B 219 0.42 13.65 19.35
CA CYS B 219 -0.24 14.11 18.16
C CYS B 219 0.61 15.11 17.41
N GLY B 220 0.32 15.32 16.15
CA GLY B 220 1.00 16.32 15.36
C GLY B 220 0.42 17.69 15.67
N GLU B 221 1.22 18.71 15.52
CA GLU B 221 0.63 20.07 15.61
C GLU B 221 0.15 20.46 14.21
N PRO B 222 -0.83 21.36 14.09
CA PRO B 222 -1.29 21.76 12.76
C PRO B 222 -0.17 22.26 11.89
N SER B 223 0.83 22.95 12.46
CA SER B 223 1.91 23.47 11.68
C SER B 223 2.75 22.36 10.98
N GLU B 224 2.81 21.17 11.60
CA GLU B 224 3.61 20.06 11.00
C GLU B 224 2.82 19.56 9.80
N ILE B 225 1.53 19.65 9.76
CA ILE B 225 0.74 19.20 8.65
C ILE B 225 0.85 20.29 7.58
N ALA B 226 0.74 21.60 8.00
CA ALA B 226 0.84 22.74 7.03
C ALA B 226 2.19 22.76 6.34
N ALA B 227 3.30 22.44 7.04
CA ALA B 227 4.61 22.47 6.33
C ALA B 227 4.66 21.43 5.19
N ALA B 228 4.03 20.26 5.45
CA ALA B 228 3.96 19.23 4.40
C ALA B 228 3.04 19.66 3.29
N ALA B 229 1.92 20.34 3.59
CA ALA B 229 1.06 20.86 2.49
C ALA B 229 1.81 21.88 1.68
N LEU B 230 2.62 22.73 2.31
CA LEU B 230 3.43 23.76 1.60
C LEU B 230 4.39 23.06 0.73
N PHE B 231 5.09 22.00 1.18
CA PHE B 231 5.94 21.24 0.23
C PHE B 231 5.16 20.74 -0.99
N LEU B 232 4.01 20.06 -0.78
CA LEU B 232 3.26 19.50 -1.94
C LEU B 232 2.74 20.60 -2.90
N ALA B 233 2.39 21.76 -2.34
CA ALA B 233 1.83 22.83 -3.15
C ALA B 233 2.89 23.59 -3.91
N SER B 234 4.15 23.44 -3.51
CA SER B 234 5.20 24.30 -4.06
C SER B 234 5.91 23.61 -5.23
N PRO B 235 6.75 24.42 -5.95
CA PRO B 235 7.58 23.84 -7.01
C PRO B 235 8.59 22.83 -6.53
N ALA B 236 8.86 22.68 -5.23
CA ALA B 236 9.77 21.62 -4.77
C ALA B 236 9.18 20.28 -5.09
N ALA B 237 7.85 20.16 -5.16
CA ALA B 237 7.17 18.85 -5.40
C ALA B 237 6.82 18.73 -6.90
N SER B 238 7.62 19.32 -7.77
CA SER B 238 7.26 19.30 -9.19
C SER B 238 7.23 17.91 -9.87
N TYR B 239 7.86 16.88 -9.27
CA TYR B 239 7.74 15.51 -9.83
C TYR B 239 6.87 14.64 -8.97
N VAL B 240 6.08 15.25 -8.07
CA VAL B 240 5.20 14.49 -7.13
C VAL B 240 3.79 14.67 -7.62
N THR B 241 3.15 13.61 -8.03
CA THR B 241 1.69 13.68 -8.32
C THR B 241 1.07 12.32 -8.04
N GLY B 242 -0.15 12.35 -7.52
CA GLY B 242 -0.83 11.11 -7.10
C GLY B 242 -0.27 10.48 -5.90
N ALA B 243 0.57 11.18 -5.17
CA ALA B 243 1.16 10.64 -3.97
C ALA B 243 0.25 10.83 -2.73
N ILE B 244 0.30 9.83 -1.83
CA ILE B 244 -0.39 9.91 -0.58
C ILE B 244 0.76 10.02 0.48
N LEU B 245 0.99 11.20 1.07
CA LEU B 245 2.12 11.38 1.97
C LEU B 245 1.66 11.21 3.39
N ALA B 246 2.17 10.17 4.09
CA ALA B 246 1.85 9.96 5.54
C ALA B 246 2.55 11.01 6.34
N VAL B 247 1.79 11.68 7.20
CA VAL B 247 2.38 12.68 8.13
C VAL B 247 1.76 12.34 9.48
N ASP B 248 2.27 11.23 10.11
CA ASP B 248 1.46 10.54 11.13
C ASP B 248 2.30 10.11 12.34
N GLY B 249 3.53 10.65 12.49
CA GLY B 249 4.30 10.27 13.67
C GLY B 249 4.66 8.81 13.67
N GLY B 250 4.56 8.13 12.49
CA GLY B 250 4.80 6.70 12.37
C GLY B 250 3.57 5.83 12.57
N TYR B 251 2.34 6.37 12.72
CA TYR B 251 1.20 5.54 13.08
C TYR B 251 1.06 4.35 12.13
N THR B 252 1.15 4.60 10.78
CA THR B 252 0.95 3.54 9.79
C THR B 252 2.18 2.65 9.61
N VAL B 253 3.23 2.85 10.41
CA VAL B 253 4.38 1.94 10.33
C VAL B 253 4.07 0.63 11.13
N TRP B 254 3.40 0.78 12.27
CA TRP B 254 3.02 -0.41 13.10
C TRP B 254 1.73 -1.05 12.53
N MET C 1 4.72 28.74 14.18
N MET C 1 4.84 28.26 14.03
CA MET C 1 5.90 28.33 13.32
CA MET C 1 6.10 27.95 13.23
C MET C 1 6.40 29.46 12.40
C MET C 1 6.42 29.18 12.35
N ASP C 2 7.73 29.47 12.19
CA ASP C 2 8.31 30.35 11.19
C ASP C 2 8.55 29.48 9.98
N TYR C 3 7.64 29.61 8.99
CA TYR C 3 7.78 28.81 7.75
C TYR C 3 8.90 29.30 6.92
N ARG C 4 9.35 30.56 7.14
N ARG C 4 9.47 30.53 7.07
CA ARG C 4 10.48 31.07 6.39
CA ARG C 4 10.52 30.92 6.16
C ARG C 4 11.74 30.24 6.52
C ARG C 4 11.92 30.29 6.57
N THR C 5 11.96 29.63 7.70
CA THR C 5 13.21 28.90 8.13
C THR C 5 12.99 27.43 8.37
N VAL C 6 11.75 26.93 8.28
CA VAL C 6 11.53 25.53 8.67
C VAL C 6 12.16 24.48 7.70
N PHE C 7 12.46 24.86 6.45
CA PHE C 7 13.10 23.96 5.54
C PHE C 7 14.65 24.04 5.61
N ARG C 8 15.19 24.94 6.39
CA ARG C 8 16.69 25.16 6.42
C ARG C 8 17.33 24.04 7.23
N LEU C 9 18.66 23.88 6.98
CA LEU C 9 19.48 22.91 7.71
C LEU C 9 20.67 23.66 8.36
N ASP C 10 20.43 24.90 8.82
CA ASP C 10 21.58 25.66 9.33
C ASP C 10 22.27 25.04 10.49
N GLY C 11 23.60 24.95 10.47
CA GLY C 11 24.32 24.37 11.60
C GLY C 11 24.42 22.88 11.49
N ALA C 12 23.65 22.22 10.60
CA ALA C 12 23.68 20.76 10.50
C ALA C 12 24.89 20.22 9.75
N CYS C 13 25.28 18.99 10.02
CA CYS C 13 26.24 18.24 9.18
C CYS C 13 25.51 17.00 8.67
N ALA C 14 25.51 16.84 7.35
CA ALA C 14 24.84 15.70 6.76
C ALA C 14 25.89 14.78 6.06
N ALA C 15 25.80 13.51 6.29
CA ALA C 15 26.62 12.53 5.57
C ALA C 15 25.77 12.02 4.43
N VAL C 16 26.35 11.90 3.26
CA VAL C 16 25.64 11.45 2.03
C VAL C 16 26.43 10.35 1.46
N THR C 17 25.92 9.14 1.37
CA THR C 17 26.58 8.09 0.63
C THR C 17 26.13 8.18 -0.82
N GLY C 18 26.99 7.72 -1.76
CA GLY C 18 26.72 7.99 -3.12
C GLY C 18 26.81 9.47 -3.56
N ALA C 19 27.62 10.24 -2.82
CA ALA C 19 27.72 11.70 -3.07
C ALA C 19 28.42 12.05 -4.37
N GLY C 20 29.10 11.06 -4.99
CA GLY C 20 29.89 11.35 -6.14
C GLY C 20 29.10 11.59 -7.43
N SER C 21 27.81 11.21 -7.48
CA SER C 21 27.09 11.25 -8.74
C SER C 21 25.62 11.51 -8.55
N GLY C 22 24.90 11.86 -9.61
CA GLY C 22 23.47 11.62 -9.62
C GLY C 22 22.69 12.30 -8.54
N ILE C 23 21.76 11.55 -8.00
CA ILE C 23 20.88 12.07 -6.91
C ILE C 23 21.65 12.47 -5.66
N GLY C 24 22.65 11.63 -5.29
CA GLY C 24 23.42 11.96 -4.05
C GLY C 24 24.14 13.29 -4.22
N LEU C 25 24.77 13.50 -5.36
CA LEU C 25 25.50 14.76 -5.56
C LEU C 25 24.53 15.95 -5.60
N GLU C 26 23.36 15.76 -6.25
CA GLU C 26 22.41 16.87 -6.27
C GLU C 26 21.86 17.14 -4.86
N ILE C 27 21.67 16.09 -3.99
CA ILE C 27 21.31 16.29 -2.60
C ILE C 27 22.36 17.05 -1.87
N CYS C 28 23.64 16.77 -2.13
CA CYS C 28 24.68 17.59 -1.50
C CYS C 28 24.56 19.09 -1.90
N ARG C 29 24.23 19.32 -3.17
CA ARG C 29 24.05 20.76 -3.61
C ARG C 29 22.90 21.40 -2.81
N ALA C 30 21.78 20.65 -2.74
CA ALA C 30 20.59 21.21 -2.07
C ALA C 30 20.86 21.40 -0.59
N PHE C 31 21.60 20.52 0.03
CA PHE C 31 21.86 20.58 1.44
C PHE C 31 22.84 21.77 1.72
N ALA C 32 23.87 21.91 0.90
CA ALA C 32 24.82 23.01 1.03
C ALA C 32 24.07 24.34 0.90
N ALA C 33 23.15 24.40 -0.04
CA ALA C 33 22.42 25.65 -0.27
C ALA C 33 21.52 26.00 0.95
N SER C 34 21.15 24.97 1.72
CA SER C 34 20.29 25.11 2.87
C SER C 34 21.05 25.25 4.16
N GLY C 35 22.37 25.41 4.09
CA GLY C 35 23.13 25.75 5.30
C GLY C 35 23.89 24.60 5.90
N ALA C 36 23.75 23.37 5.37
CA ALA C 36 24.46 22.22 6.03
C ALA C 36 25.93 22.13 5.53
N ARG C 37 26.75 21.53 6.40
N ARG C 37 26.78 21.54 6.35
CA ARG C 37 28.05 21.03 6.05
CA ARG C 37 28.02 21.10 5.81
C ARG C 37 27.87 19.58 5.59
C ARG C 37 27.91 19.60 5.66
N LEU C 38 28.85 19.03 4.83
CA LEU C 38 28.67 17.69 4.27
C LEU C 38 29.82 16.75 4.54
N ILE C 39 29.46 15.48 4.73
CA ILE C 39 30.42 14.35 4.72
C ILE C 39 30.11 13.62 3.43
N LEU C 40 31.00 13.68 2.46
CA LEU C 40 30.85 13.04 1.12
C LEU C 40 31.37 11.58 1.25
N ILE C 41 30.55 10.58 0.96
CA ILE C 41 31.02 9.24 0.97
C ILE C 41 30.76 8.56 -0.35
N ASP C 42 31.77 7.95 -0.98
CA ASP C 42 31.56 7.27 -2.27
C ASP C 42 32.74 6.31 -2.46
N ARG C 43 32.53 5.22 -3.21
N ARG C 43 32.56 5.23 -3.21
CA ARG C 43 33.64 4.34 -3.55
CA ARG C 43 33.68 4.35 -3.45
C ARG C 43 34.56 4.97 -4.61
C ARG C 43 34.55 4.83 -4.62
N GLU C 44 34.02 5.90 -5.41
N GLU C 44 34.11 5.82 -5.39
CA GLU C 44 34.79 6.48 -6.48
CA GLU C 44 34.88 6.26 -6.56
C GLU C 44 35.57 7.71 -6.06
C GLU C 44 35.60 7.58 -6.27
N ALA C 45 36.88 7.51 -5.90
CA ALA C 45 37.71 8.66 -5.60
C ALA C 45 37.67 9.75 -6.70
N ALA C 46 37.60 9.44 -8.03
CA ALA C 46 37.68 10.48 -9.11
C ALA C 46 36.34 11.25 -9.02
N ALA C 47 35.20 10.58 -8.64
CA ALA C 47 33.89 11.28 -8.58
C ALA C 47 33.97 12.22 -7.39
N LEU C 48 34.50 11.74 -6.28
CA LEU C 48 34.69 12.59 -5.06
CA LEU C 48 34.62 12.67 -5.13
C LEU C 48 35.60 13.83 -5.42
N ASP C 49 36.64 13.62 -6.24
CA ASP C 49 37.49 14.80 -6.66
C ASP C 49 36.51 15.83 -7.24
N ARG C 50 35.71 15.41 -8.21
CA ARG C 50 34.89 16.35 -8.93
C ARG C 50 33.87 17.03 -7.95
N ALA C 51 33.25 16.23 -7.09
CA ALA C 51 32.20 16.70 -6.20
C ALA C 51 32.79 17.68 -5.21
N ALA C 52 33.92 17.34 -4.61
CA ALA C 52 34.53 18.22 -3.63
C ALA C 52 35.01 19.54 -4.18
N GLN C 53 35.50 19.55 -5.38
N GLN C 53 35.52 19.51 -5.41
CA GLN C 53 35.95 20.83 -5.91
CA GLN C 53 35.93 20.74 -6.16
C GLN C 53 34.74 21.77 -6.19
C GLN C 53 34.73 21.70 -6.10
N GLU C 54 33.58 21.19 -6.55
CA GLU C 54 32.37 22.00 -6.75
C GLU C 54 31.80 22.46 -5.43
N LEU C 55 31.77 21.60 -4.45
CA LEU C 55 31.06 21.98 -3.24
C LEU C 55 31.90 22.81 -2.31
N GLY C 56 33.22 22.80 -2.50
CA GLY C 56 34.11 23.75 -1.78
C GLY C 56 34.02 23.65 -0.26
N ALA C 57 33.82 24.81 0.40
CA ALA C 57 33.95 24.91 1.86
C ALA C 57 32.75 24.24 2.54
N ALA C 58 31.71 23.84 1.79
CA ALA C 58 30.58 23.10 2.36
C ALA C 58 31.02 21.69 2.83
N VAL C 59 32.18 21.22 2.33
CA VAL C 59 32.63 19.87 2.65
C VAL C 59 33.39 19.79 3.96
N ALA C 60 32.85 19.14 5.03
CA ALA C 60 33.54 18.93 6.28
C ALA C 60 34.49 17.75 6.14
N ALA C 61 34.16 16.74 5.31
CA ALA C 61 35.09 15.62 5.03
C ALA C 61 34.68 14.90 3.78
N ARG C 62 35.64 14.29 3.09
CA ARG C 62 35.36 13.41 1.94
C ARG C 62 36.02 12.11 2.26
N ILE C 63 35.25 11.04 2.09
CA ILE C 63 35.71 9.70 2.47
C ILE C 63 35.45 8.74 1.32
N VAL C 64 36.54 8.11 0.88
CA VAL C 64 36.45 7.04 -0.16
C VAL C 64 36.18 5.78 0.66
N ALA C 65 34.97 5.22 0.55
CA ALA C 65 34.61 4.01 1.25
C ALA C 65 33.56 3.28 0.46
N ASP C 66 33.56 1.95 0.58
CA ASP C 66 32.52 1.08 0.07
C ASP C 66 31.48 0.82 1.10
N VAL C 67 30.25 1.16 0.83
CA VAL C 67 29.20 0.96 1.89
C VAL C 67 28.99 -0.46 2.20
N THR C 68 29.39 -1.42 1.33
CA THR C 68 29.25 -2.84 1.68
C THR C 68 30.24 -3.31 2.71
N ASP C 69 31.23 -2.48 3.05
CA ASP C 69 32.26 -2.85 4.02
C ASP C 69 31.85 -2.24 5.39
N ALA C 70 31.25 -3.09 6.21
CA ALA C 70 30.64 -2.63 7.52
C ALA C 70 31.69 -1.88 8.36
N GLU C 71 32.92 -2.42 8.42
CA GLU C 71 33.97 -1.77 9.17
C GLU C 71 34.31 -0.40 8.64
N ALA C 72 34.32 -0.27 7.30
CA ALA C 72 34.58 1.03 6.69
C ALA C 72 33.46 2.02 7.05
N MET C 73 32.20 1.56 7.12
CA MET C 73 31.13 2.49 7.46
C MET C 73 31.29 2.87 8.96
N THR C 74 31.58 1.92 9.84
CA THR C 74 31.79 2.28 11.24
C THR C 74 32.96 3.30 11.39
N ALA C 75 34.05 3.06 10.64
CA ALA C 75 35.19 3.98 10.67
C ALA C 75 34.80 5.35 10.04
N ALA C 76 33.96 5.38 8.97
CA ALA C 76 33.58 6.65 8.40
C ALA C 76 32.78 7.48 9.38
N ALA C 77 31.87 6.81 10.14
CA ALA C 77 31.04 7.54 11.13
C ALA C 77 31.98 8.12 12.25
N ALA C 78 32.96 7.34 12.69
CA ALA C 78 33.88 7.87 13.64
C ALA C 78 34.72 9.03 13.03
N GLU C 79 35.20 8.88 11.79
CA GLU C 79 35.99 9.98 11.15
C GLU C 79 35.12 11.25 11.06
N ALA C 80 33.82 11.05 10.67
CA ALA C 80 32.98 12.20 10.44
C ALA C 80 32.66 12.86 11.79
N GLU C 81 32.30 12.04 12.84
CA GLU C 81 32.01 12.59 14.20
C GLU C 81 33.18 13.34 14.83
N ALA C 82 34.41 13.02 14.42
CA ALA C 82 35.56 13.71 14.97
C ALA C 82 35.61 15.14 14.34
N VAL C 83 35.03 15.39 13.15
CA VAL C 83 34.92 16.72 12.54
C VAL C 83 33.67 17.49 13.03
N ALA C 84 32.49 16.85 13.05
CA ALA C 84 31.27 17.55 13.49
C ALA C 84 30.23 16.45 13.84
N PRO C 85 29.28 16.75 14.70
CA PRO C 85 28.19 15.77 14.93
C PRO C 85 27.37 15.67 13.64
N VAL C 86 27.13 14.43 13.24
CA VAL C 86 26.34 14.19 11.98
C VAL C 86 24.89 14.00 12.38
N SER C 87 24.05 14.96 12.01
CA SER C 87 22.63 14.88 12.41
C SER C 87 21.71 14.44 11.31
N ILE C 88 22.23 14.29 10.09
CA ILE C 88 21.44 13.88 8.83
C ILE C 88 22.27 12.82 8.16
N LEU C 89 21.65 11.72 7.74
CA LEU C 89 22.30 10.73 6.90
C LEU C 89 21.41 10.52 5.67
N VAL C 90 21.99 10.52 4.48
CA VAL C 90 21.30 10.23 3.17
C VAL C 90 21.96 8.97 2.63
N ASN C 91 21.24 7.87 2.52
CA ASN C 91 21.78 6.67 1.92
C ASN C 91 21.40 6.61 0.43
N SER C 92 22.24 7.19 -0.43
CA SER C 92 22.03 7.22 -1.87
C SER C 92 22.91 6.23 -2.62
N ALA C 93 23.97 5.68 -2.02
CA ALA C 93 24.79 4.72 -2.78
C ALA C 93 23.90 3.55 -3.18
N GLY C 94 23.97 3.11 -4.41
CA GLY C 94 23.15 2.01 -4.90
C GLY C 94 23.54 1.67 -6.30
N ILE C 95 23.21 0.46 -6.72
CA ILE C 95 23.48 -0.01 -8.08
C ILE C 95 22.28 -0.69 -8.66
N ALA C 96 22.30 -0.81 -9.99
CA ALA C 96 21.24 -1.54 -10.70
C ALA C 96 21.89 -2.41 -11.74
N ARG C 97 21.53 -3.68 -11.78
CA ARG C 97 22.04 -4.61 -12.86
C ARG C 97 20.87 -5.30 -13.52
N LEU C 98 20.81 -5.29 -14.83
CA LEU C 98 19.74 -6.01 -15.54
C LEU C 98 20.11 -7.49 -15.55
N HIS C 99 19.18 -8.40 -15.22
CA HIS C 99 19.45 -9.82 -15.32
C HIS C 99 18.11 -10.54 -15.40
N ASP C 100 18.01 -11.50 -16.34
CA ASP C 100 16.83 -12.37 -16.32
C ASP C 100 16.96 -13.40 -15.18
N ALA C 101 15.85 -13.71 -14.49
CA ALA C 101 15.96 -14.56 -13.29
C ALA C 101 16.62 -15.87 -13.58
N LEU C 102 16.28 -16.55 -14.68
CA LEU C 102 16.87 -17.85 -14.95
C LEU C 102 18.30 -17.82 -15.50
N GLU C 103 18.80 -16.64 -15.76
CA GLU C 103 20.20 -16.51 -16.19
C GLU C 103 21.02 -15.79 -15.12
N THR C 104 20.50 -15.61 -13.97
CA THR C 104 21.13 -14.85 -12.91
C THR C 104 22.30 -15.57 -12.33
N ASP C 105 23.53 -15.02 -12.37
N ASP C 105 23.43 -14.86 -12.31
CA ASP C 105 24.58 -15.70 -11.55
CA ASP C 105 24.60 -15.28 -11.59
C ASP C 105 24.40 -15.22 -10.12
C ASP C 105 24.51 -15.02 -10.06
N ASP C 106 24.89 -16.01 -9.18
CA ASP C 106 24.70 -15.74 -7.78
C ASP C 106 25.34 -14.46 -7.33
N ALA C 107 26.48 -14.12 -7.98
CA ALA C 107 27.28 -12.92 -7.55
C ALA C 107 26.54 -11.65 -7.89
N THR C 108 25.73 -11.62 -8.96
CA THR C 108 24.95 -10.41 -9.25
C THR C 108 23.90 -10.17 -8.19
N TRP C 109 23.13 -11.25 -7.94
CA TRP C 109 22.11 -11.07 -6.90
C TRP C 109 22.72 -10.56 -5.56
N ARG C 110 23.85 -11.16 -5.17
N ARG C 110 23.83 -11.19 -5.15
CA ARG C 110 24.44 -10.88 -3.85
CA ARG C 110 24.47 -10.74 -3.90
C ARG C 110 24.91 -9.43 -3.76
C ARG C 110 25.09 -9.30 -4.11
N GLN C 111 25.48 -8.92 -4.84
N GLN C 111 25.67 -8.97 -5.28
CA GLN C 111 26.11 -7.67 -4.73
CA GLN C 111 26.29 -7.61 -5.42
C GLN C 111 25.07 -6.58 -4.88
C GLN C 111 25.21 -6.50 -5.20
N VAL C 112 24.02 -6.74 -5.73
CA VAL C 112 22.95 -5.75 -5.66
C VAL C 112 22.37 -5.62 -4.28
N MET C 113 22.11 -6.74 -3.60
N MET C 113 22.12 -6.76 -3.61
CA MET C 113 21.59 -6.69 -2.25
CA MET C 113 21.67 -6.80 -2.25
C MET C 113 22.67 -6.10 -1.32
C MET C 113 22.67 -6.09 -1.35
N ALA C 114 23.93 -6.42 -1.53
CA ALA C 114 24.97 -5.95 -0.60
C ALA C 114 25.04 -4.40 -0.64
N VAL C 115 25.00 -3.79 -1.84
CA VAL C 115 25.11 -2.32 -1.91
C VAL C 115 23.76 -1.75 -1.40
N ASN C 116 22.66 -2.19 -1.99
CA ASN C 116 21.43 -1.46 -1.85
C ASN C 116 20.77 -1.62 -0.52
N VAL C 117 20.96 -2.79 0.12
N VAL C 117 21.02 -2.72 0.20
CA VAL C 117 20.31 -3.12 1.39
CA VAL C 117 20.37 -2.81 1.46
C VAL C 117 21.37 -3.16 2.47
C VAL C 117 21.37 -3.17 2.55
N ASP C 118 22.28 -4.13 2.38
CA ASP C 118 23.26 -4.31 3.49
C ASP C 118 24.02 -3.04 3.73
N GLY C 119 24.50 -2.38 2.68
CA GLY C 119 25.29 -1.15 2.92
C GLY C 119 24.46 -0.07 3.54
N MET C 120 23.18 0.00 3.21
CA MET C 120 22.30 0.98 3.86
C MET C 120 22.18 0.64 5.39
N PHE C 121 22.07 -0.62 5.70
CA PHE C 121 22.06 -1.03 7.11
C PHE C 121 23.39 -0.68 7.81
N TRP C 122 24.53 -1.02 7.15
CA TRP C 122 25.78 -0.76 7.84
C TRP C 122 25.99 0.73 8.10
N ALA C 123 25.65 1.55 7.09
CA ALA C 123 25.80 3.01 7.17
C ALA C 123 24.84 3.58 8.20
N SER C 124 23.56 3.09 8.22
CA SER C 124 22.59 3.61 9.19
C SER C 124 22.92 3.17 10.63
N ARG C 125 23.42 1.94 10.77
CA ARG C 125 23.88 1.52 12.13
C ARG C 125 25.05 2.40 12.58
N ALA C 126 26.02 2.61 11.66
CA ALA C 126 27.23 3.38 12.01
C ALA C 126 26.92 4.81 12.34
N PHE C 127 26.23 5.54 11.46
CA PHE C 127 25.94 6.99 11.70
C PHE C 127 24.79 7.20 12.63
N GLY C 128 23.86 6.24 12.67
CA GLY C 128 22.71 6.38 13.51
C GLY C 128 23.05 6.31 15.02
N ARG C 129 24.20 5.66 15.34
N ARG C 129 24.17 5.64 15.38
CA ARG C 129 24.54 5.43 16.71
CA ARG C 129 24.54 5.46 16.77
C ARG C 129 24.67 6.77 17.47
C ARG C 129 24.63 6.82 17.48
N ALA C 130 25.42 7.76 16.92
CA ALA C 130 25.62 9.04 17.57
C ALA C 130 24.31 9.84 17.60
N MET C 131 23.45 9.64 16.59
CA MET C 131 22.16 10.41 16.53
C MET C 131 21.30 9.91 17.66
N VAL C 132 21.19 8.60 17.80
CA VAL C 132 20.33 8.07 18.86
C VAL C 132 20.89 8.51 20.23
N ALA C 133 22.22 8.52 20.42
CA ALA C 133 22.78 8.96 21.65
C ALA C 133 22.44 10.44 21.95
N ARG C 134 22.45 11.28 20.95
CA ARG C 134 22.08 12.70 21.10
C ARG C 134 20.56 12.87 21.23
N GLY C 135 19.77 11.88 20.83
CA GLY C 135 18.31 11.97 20.88
C GLY C 135 17.76 12.82 19.78
N ALA C 136 18.44 12.89 18.60
CA ALA C 136 18.00 13.74 17.47
C ALA C 136 18.71 13.26 16.24
N GLY C 137 17.99 13.24 15.09
CA GLY C 137 18.61 12.96 13.77
C GLY C 137 17.54 12.78 12.74
N ALA C 138 17.93 12.74 11.47
CA ALA C 138 17.04 12.47 10.35
C ALA C 138 17.81 11.65 9.35
N ILE C 139 17.17 10.60 8.84
CA ILE C 139 17.77 9.76 7.82
C ILE C 139 16.84 9.73 6.62
N VAL C 140 17.42 9.87 5.44
CA VAL C 140 16.62 9.75 4.22
C VAL C 140 17.24 8.66 3.36
N ASN C 141 16.49 7.63 3.07
CA ASN C 141 16.96 6.52 2.29
C ASN C 141 16.43 6.64 0.89
N LEU C 142 17.27 6.28 -0.12
CA LEU C 142 16.81 6.20 -1.50
C LEU C 142 16.22 4.83 -1.74
N GLY C 143 14.90 4.78 -1.63
CA GLY C 143 14.15 3.68 -2.14
C GLY C 143 13.89 3.83 -3.59
N SER C 144 12.75 3.35 -4.06
CA SER C 144 12.43 3.49 -5.46
C SER C 144 10.99 3.13 -5.71
N MET C 145 10.37 3.60 -6.80
CA MET C 145 9.13 2.97 -7.21
C MET C 145 9.30 1.45 -7.30
N SER C 146 10.52 0.95 -7.57
CA SER C 146 10.80 -0.47 -7.70
C SER C 146 10.71 -1.19 -6.36
N GLY C 147 10.51 -0.47 -5.21
CA GLY C 147 10.17 -1.14 -3.91
C GLY C 147 8.69 -1.35 -3.76
N THR C 148 7.86 -0.77 -4.67
CA THR C 148 6.42 -0.80 -4.62
C THR C 148 5.83 -1.62 -5.76
N ILE C 149 6.35 -1.37 -6.95
CA ILE C 149 5.90 -2.02 -8.22
C ILE C 149 7.15 -2.63 -8.89
N VAL C 150 6.93 -3.26 -10.05
CA VAL C 150 8.03 -3.92 -10.76
C VAL C 150 8.17 -3.18 -12.06
N ASN C 151 9.39 -2.83 -12.46
CA ASN C 151 9.60 -2.09 -13.74
C ASN C 151 9.27 -2.99 -14.97
N ARG C 152 9.07 -2.32 -16.09
N ARG C 152 9.06 -2.28 -16.08
CA ARG C 152 8.92 -3.06 -17.36
CA ARG C 152 8.74 -2.89 -17.37
C ARG C 152 9.43 -2.14 -18.48
C ARG C 152 9.48 -2.07 -18.47
N PRO C 153 10.05 -2.72 -19.51
CA PRO C 153 10.06 -4.19 -19.78
C PRO C 153 11.27 -4.90 -19.25
N GLN C 154 12.27 -4.16 -18.77
CA GLN C 154 13.54 -4.82 -18.38
C GLN C 154 13.40 -5.62 -17.08
N PHE C 155 14.18 -6.68 -16.89
CA PHE C 155 14.12 -7.54 -15.67
C PHE C 155 15.38 -7.27 -14.89
N ALA C 156 15.11 -7.19 -13.60
CA ALA C 156 16.19 -6.95 -12.56
C ALA C 156 15.60 -7.36 -11.19
N SER C 157 15.24 -8.63 -11.04
CA SER C 157 14.58 -9.01 -9.77
C SER C 157 15.36 -8.65 -8.52
N SER C 158 16.70 -8.66 -8.56
CA SER C 158 17.50 -8.31 -7.35
C SER C 158 17.22 -6.84 -7.01
N TYR C 159 17.06 -5.95 -7.98
CA TYR C 159 16.80 -4.55 -7.68
C TYR C 159 15.45 -4.38 -7.03
N MET C 160 14.42 -5.05 -7.55
CA MET C 160 13.09 -4.93 -7.00
C MET C 160 13.12 -5.46 -5.49
N ALA C 161 13.77 -6.64 -5.31
CA ALA C 161 13.80 -7.18 -3.95
C ALA C 161 14.61 -6.27 -3.06
N SER C 162 15.70 -5.67 -3.54
CA SER C 162 16.54 -4.80 -2.70
C SER C 162 15.71 -3.57 -2.25
N LYS C 163 14.87 -3.03 -3.18
CA LYS C 163 14.15 -1.82 -2.87
C LYS C 163 12.96 -2.13 -1.92
N GLY C 164 12.34 -3.32 -2.04
CA GLY C 164 11.34 -3.74 -1.04
C GLY C 164 12.03 -3.77 0.31
N ALA C 165 13.29 -4.28 0.41
CA ALA C 165 14.00 -4.31 1.71
C ALA C 165 14.30 -2.93 2.14
N VAL C 166 14.69 -1.99 1.27
CA VAL C 166 14.94 -0.62 1.68
C VAL C 166 13.74 0.00 2.32
N HIS C 167 12.57 -0.18 1.71
CA HIS C 167 11.39 0.48 2.29
C HIS C 167 11.06 -0.08 3.65
N GLN C 168 11.19 -1.40 3.83
CA GLN C 168 10.89 -1.93 5.17
C GLN C 168 12.03 -1.71 6.17
N LEU C 169 13.32 -1.62 5.77
CA LEU C 169 14.36 -1.23 6.65
C LEU C 169 14.16 0.18 7.18
N THR C 170 13.78 1.06 6.28
CA THR C 170 13.46 2.46 6.64
C THR C 170 12.41 2.47 7.74
N ARG C 171 11.32 1.70 7.49
CA ARG C 171 10.22 1.68 8.45
C ARG C 171 10.60 1.04 9.84
N ALA C 172 11.42 -0.03 9.73
CA ALA C 172 11.84 -0.68 10.98
C ALA C 172 12.71 0.26 11.85
N LEU C 173 13.63 0.97 11.18
CA LEU C 173 14.46 1.90 12.03
C LEU C 173 13.60 3.08 12.44
N ALA C 174 12.66 3.57 11.63
CA ALA C 174 11.78 4.66 12.08
C ALA C 174 11.07 4.19 13.35
N ALA C 175 10.54 2.97 13.40
CA ALA C 175 9.80 2.53 14.59
C ALA C 175 10.73 2.40 15.76
N GLU C 176 11.92 1.86 15.56
CA GLU C 176 12.82 1.56 16.69
C GLU C 176 13.42 2.80 17.26
N TRP C 177 13.62 3.88 16.47
CA TRP C 177 14.30 5.05 16.94
C TRP C 177 13.33 6.24 17.13
N ALA C 178 12.01 6.05 16.92
CA ALA C 178 11.07 7.17 17.04
C ALA C 178 11.09 7.77 18.46
N GLY C 179 11.19 6.97 19.51
CA GLY C 179 11.18 7.47 20.84
C GLY C 179 12.46 8.16 21.23
N ARG C 180 13.49 8.03 20.43
CA ARG C 180 14.78 8.66 20.57
C ARG C 180 15.08 9.75 19.65
N GLY C 181 14.05 10.23 19.00
CA GLY C 181 14.15 11.52 18.27
C GLY C 181 14.76 11.35 16.92
N VAL C 182 14.95 10.17 16.37
CA VAL C 182 15.59 10.06 15.02
C VAL C 182 14.52 9.61 14.04
N ARG C 183 14.25 10.51 13.07
CA ARG C 183 13.26 10.21 11.96
C ARG C 183 13.94 9.43 10.90
N VAL C 184 13.21 8.53 10.22
CA VAL C 184 13.82 7.73 9.15
C VAL C 184 12.76 7.62 8.05
N ASN C 185 13.04 8.12 6.87
CA ASN C 185 12.04 8.10 5.78
C ASN C 185 12.73 7.68 4.53
N ALA C 186 11.93 7.32 3.51
CA ALA C 186 12.51 6.98 2.18
C ALA C 186 11.83 7.73 1.07
N LEU C 187 12.59 8.07 0.04
CA LEU C 187 12.03 8.49 -1.22
C LEU C 187 11.83 7.28 -2.09
N ALA C 188 10.76 7.29 -2.94
CA ALA C 188 10.56 6.22 -3.92
C ALA C 188 10.45 6.89 -5.27
N PRO C 189 11.63 7.26 -5.83
CA PRO C 189 11.55 7.97 -7.10
C PRO C 189 11.14 7.11 -8.32
N GLY C 190 10.52 7.76 -9.28
CA GLY C 190 10.35 7.20 -10.64
C GLY C 190 11.71 7.32 -11.31
N TYR C 191 11.65 7.18 -12.65
CA TYR C 191 12.92 7.24 -13.36
C TYR C 191 13.49 8.68 -13.28
N VAL C 192 14.80 8.75 -13.05
CA VAL C 192 15.49 9.99 -12.91
C VAL C 192 16.67 10.05 -13.88
N ALA C 193 16.91 11.20 -14.47
CA ALA C 193 18.01 11.23 -15.43
C ALA C 193 19.40 11.35 -14.71
N THR C 194 20.06 10.18 -14.43
CA THR C 194 21.34 10.16 -13.80
C THR C 194 22.23 9.11 -14.55
N GLU C 195 23.51 9.03 -14.18
CA GLU C 195 24.37 8.02 -14.79
C GLU C 195 23.81 6.60 -14.57
N MET C 196 23.08 6.25 -13.47
N MET C 196 23.11 6.36 -13.44
CA MET C 196 22.60 4.87 -13.31
CA MET C 196 22.51 5.09 -13.17
C MET C 196 21.72 4.48 -14.51
C MET C 196 21.71 4.55 -14.33
N THR C 197 20.92 5.45 -14.98
CA THR C 197 20.02 5.12 -16.11
C THR C 197 20.40 5.55 -17.46
N LEU C 198 21.60 6.13 -17.59
CA LEU C 198 21.91 6.69 -18.90
C LEU C 198 21.89 5.64 -20.05
N LYS C 199 22.55 4.49 -19.86
CA LYS C 199 22.57 3.48 -20.89
C LYS C 199 21.18 2.96 -21.23
N MET C 200 20.31 2.78 -20.21
CA MET C 200 18.95 2.26 -20.48
C MET C 200 18.17 3.42 -21.18
N ARG C 201 18.37 4.70 -20.85
CA ARG C 201 17.59 5.81 -21.50
C ARG C 201 17.97 5.88 -22.95
N GLU C 202 19.14 5.36 -23.30
CA GLU C 202 19.62 5.42 -24.69
C GLU C 202 19.21 4.19 -25.50
N ARG C 203 18.31 3.36 -24.96
CA ARG C 203 17.72 2.14 -25.58
C ARG C 203 16.20 2.38 -25.77
N PRO C 204 15.76 2.76 -27.01
CA PRO C 204 14.31 3.13 -27.26
C PRO C 204 13.36 2.04 -26.82
N GLU C 205 13.83 0.80 -26.95
N GLU C 205 13.74 0.78 -27.00
CA GLU C 205 13.07 -0.41 -26.55
CA GLU C 205 12.89 -0.33 -26.58
C GLU C 205 12.71 -0.56 -25.02
C GLU C 205 12.56 -0.37 -25.05
N LEU C 206 13.42 0.25 -24.24
CA LEU C 206 13.09 0.45 -22.80
C LEU C 206 12.45 1.83 -22.63
N PHE C 207 13.12 2.89 -23.12
CA PHE C 207 12.77 4.27 -22.76
C PHE C 207 11.37 4.68 -23.23
N GLU C 208 10.96 4.18 -24.39
CA GLU C 208 9.64 4.64 -24.81
C GLU C 208 8.55 4.10 -23.90
N THR C 209 8.72 2.87 -23.41
CA THR C 209 7.83 2.35 -22.43
C THR C 209 7.86 3.11 -21.11
N TRP C 210 9.06 3.46 -20.69
CA TRP C 210 9.18 4.15 -19.40
C TRP C 210 8.37 5.47 -19.46
N LEU C 211 8.48 6.22 -20.60
CA LEU C 211 7.77 7.50 -20.68
C LEU C 211 6.29 7.25 -20.84
N ASP C 212 5.88 6.22 -21.60
CA ASP C 212 4.52 5.95 -21.85
C ASP C 212 3.80 5.61 -20.56
N MET C 213 4.53 4.98 -19.62
CA MET C 213 3.93 4.49 -18.37
CA MET C 213 3.96 4.47 -18.34
C MET C 213 4.08 5.53 -17.29
N THR C 214 4.62 6.73 -17.60
CA THR C 214 4.71 7.76 -16.56
C THR C 214 3.62 8.82 -16.91
N PRO C 215 2.64 9.11 -15.99
CA PRO C 215 1.60 10.13 -16.39
C PRO C 215 2.26 11.46 -16.79
N MET C 216 3.29 11.94 -16.07
N MET C 216 3.30 11.94 -16.10
CA MET C 216 3.92 13.22 -16.45
CA MET C 216 3.90 13.24 -16.51
C MET C 216 4.60 13.15 -17.84
C MET C 216 4.78 13.17 -17.77
N GLY C 217 4.99 11.93 -18.28
CA GLY C 217 5.55 11.76 -19.64
C GLY C 217 7.00 12.12 -19.76
N ARG C 218 7.73 12.13 -18.65
CA ARG C 218 9.13 12.53 -18.64
C ARG C 218 9.79 11.90 -17.45
N CYS C 219 11.07 11.73 -17.48
CA CYS C 219 11.82 11.40 -16.27
C CYS C 219 11.89 12.60 -15.37
N GLY C 220 12.17 12.32 -14.12
CA GLY C 220 12.44 13.39 -13.19
C GLY C 220 13.88 13.88 -13.29
N GLU C 221 14.07 15.14 -12.92
CA GLU C 221 15.48 15.70 -12.82
C GLU C 221 16.02 15.41 -11.40
N PRO C 222 17.36 15.24 -11.26
CA PRO C 222 17.86 15.01 -9.92
C PRO C 222 17.40 16.06 -8.91
N SER C 223 17.28 17.34 -9.31
CA SER C 223 16.87 18.38 -8.39
C SER C 223 15.45 18.13 -7.83
N GLU C 224 14.59 17.49 -8.63
CA GLU C 224 13.24 17.21 -8.17
C GLU C 224 13.26 16.14 -7.14
N ILE C 225 14.24 15.28 -7.12
CA ILE C 225 14.36 14.28 -6.05
C ILE C 225 15.09 14.91 -4.84
N ALA C 226 16.10 15.77 -5.12
CA ALA C 226 16.83 16.41 -4.01
C ALA C 226 15.91 17.30 -3.22
N ALA C 227 14.97 18.05 -3.86
CA ALA C 227 14.09 18.94 -3.07
C ALA C 227 13.19 18.12 -2.09
N ALA C 228 12.77 16.94 -2.55
CA ALA C 228 12.02 16.06 -1.68
C ALA C 228 12.87 15.48 -0.50
N ALA C 229 14.14 15.17 -0.79
CA ALA C 229 15.02 14.71 0.21
C ALA C 229 15.24 15.86 1.18
N LEU C 230 15.40 17.10 0.74
CA LEU C 230 15.56 18.24 1.65
C LEU C 230 14.34 18.43 2.55
N PHE C 231 13.12 18.31 1.97
CA PHE C 231 11.94 18.35 2.79
C PHE C 231 12.09 17.32 3.93
N LEU C 232 12.32 16.04 3.58
CA LEU C 232 12.33 14.95 4.62
C LEU C 232 13.47 15.09 5.61
N ALA C 233 14.60 15.70 5.18
CA ALA C 233 15.72 15.85 6.13
C ALA C 233 15.52 17.02 7.07
N SER C 234 14.65 17.96 6.72
CA SER C 234 14.57 19.24 7.43
C SER C 234 13.52 19.15 8.59
N PRO C 235 13.49 20.19 9.46
CA PRO C 235 12.46 20.16 10.54
C PRO C 235 11.07 20.32 9.98
N ALA C 236 10.88 20.73 8.69
CA ALA C 236 9.50 20.75 8.14
C ALA C 236 8.86 19.41 8.20
N ALA C 237 9.64 18.33 8.12
CA ALA C 237 9.13 16.95 8.20
C ALA C 237 9.12 16.37 9.59
N SER C 238 8.99 17.27 10.61
CA SER C 238 9.07 16.84 12.01
C SER C 238 8.03 15.81 12.48
N TYR C 239 6.86 15.71 11.71
CA TYR C 239 5.89 14.65 12.12
C TYR C 239 5.87 13.54 11.09
N VAL C 240 6.94 13.45 10.23
CA VAL C 240 7.01 12.44 9.17
C VAL C 240 8.09 11.42 9.52
N THR C 241 7.70 10.21 9.85
CA THR C 241 8.70 9.15 10.05
C THR C 241 8.12 7.85 9.55
N GLY C 242 8.97 7.00 8.96
CA GLY C 242 8.56 5.75 8.34
C GLY C 242 7.78 5.93 7.09
N ALA C 243 7.76 7.11 6.51
CA ALA C 243 7.02 7.32 5.29
C ALA C 243 7.86 6.92 4.07
N ILE C 244 7.15 6.44 3.03
CA ILE C 244 7.70 6.17 1.71
C ILE C 244 7.05 7.16 0.77
N LEU C 245 7.80 8.20 0.35
CA LEU C 245 7.22 9.32 -0.41
C LEU C 245 7.47 9.03 -1.86
N ALA C 246 6.42 8.77 -2.65
CA ALA C 246 6.56 8.57 -4.09
C ALA C 246 6.87 9.92 -4.76
N VAL C 247 7.94 9.87 -5.59
CA VAL C 247 8.32 11.09 -6.36
C VAL C 247 8.56 10.56 -7.80
N ASP C 248 7.46 10.26 -8.51
CA ASP C 248 7.56 9.36 -9.68
C ASP C 248 6.75 9.86 -10.84
N GLY C 249 6.35 11.15 -10.85
CA GLY C 249 5.62 11.60 -12.04
C GLY C 249 4.31 10.92 -12.22
N GLY C 250 3.81 10.26 -11.12
CA GLY C 250 2.55 9.49 -11.18
C GLY C 250 2.71 8.01 -11.61
N TYR C 251 3.93 7.49 -11.74
CA TYR C 251 4.13 6.14 -12.24
C TYR C 251 3.28 5.11 -11.48
N THR C 252 3.32 5.17 -10.14
CA THR C 252 2.62 4.19 -9.35
C THR C 252 1.13 4.48 -9.18
N VAL C 253 0.62 5.53 -9.83
CA VAL C 253 -0.84 5.76 -9.83
C VAL C 253 -1.55 4.83 -10.82
N TRP C 254 -0.92 4.50 -11.94
CA TRP C 254 -1.50 3.60 -12.92
C TRP C 254 -1.21 2.15 -12.54
N MET D 1 -8.16 -29.24 10.93
CA MET D 1 -8.88 -28.75 9.73
C MET D 1 -8.98 -29.98 8.78
N ASP D 2 -10.15 -30.09 8.15
CA ASP D 2 -10.38 -31.12 7.15
C ASP D 2 -10.30 -30.38 5.86
N TYR D 3 -9.19 -30.51 5.15
CA TYR D 3 -9.01 -29.70 3.94
C TYR D 3 -9.99 -30.09 2.84
N ARG D 4 -10.53 -31.33 2.97
N ARG D 4 -10.54 -31.32 2.93
CA ARG D 4 -11.49 -31.87 2.01
CA ARG D 4 -11.41 -31.75 1.84
C ARG D 4 -12.67 -30.97 1.88
C ARG D 4 -12.78 -31.10 1.91
N THR D 5 -13.12 -30.46 3.02
CA THR D 5 -14.33 -29.70 3.07
C THR D 5 -14.23 -28.23 3.48
N VAL D 6 -13.04 -27.75 3.79
CA VAL D 6 -12.90 -26.38 4.33
C VAL D 6 -13.32 -25.24 3.37
N PHE D 7 -13.28 -25.51 2.06
CA PHE D 7 -13.74 -24.54 1.16
C PHE D 7 -15.25 -24.65 0.86
N ARG D 8 -15.97 -25.60 1.48
CA ARG D 8 -17.39 -25.74 1.19
C ARG D 8 -18.20 -24.81 2.09
N LEU D 9 -19.50 -24.67 1.71
CA LEU D 9 -20.43 -23.80 2.32
C LEU D 9 -21.69 -24.54 2.75
N ASP D 10 -21.56 -25.87 2.99
CA ASP D 10 -22.74 -26.68 3.31
C ASP D 10 -23.47 -26.15 4.58
N GLY D 11 -24.80 -26.05 4.48
CA GLY D 11 -25.65 -25.57 5.53
C GLY D 11 -25.66 -24.06 5.61
N ALA D 12 -24.87 -23.33 4.83
CA ALA D 12 -24.90 -21.86 4.89
C ALA D 12 -25.97 -21.32 4.00
N CYS D 13 -26.42 -20.10 4.31
CA CYS D 13 -27.26 -19.30 3.43
C CYS D 13 -26.54 -17.99 3.13
N ALA D 14 -26.29 -17.71 1.85
CA ALA D 14 -25.60 -16.51 1.47
C ALA D 14 -26.49 -15.59 0.72
N ALA D 15 -26.45 -14.30 1.07
CA ALA D 15 -27.14 -13.27 0.25
C ALA D 15 -26.16 -12.61 -0.74
N VAL D 16 -26.52 -12.42 -2.02
CA VAL D 16 -25.65 -11.92 -3.06
C VAL D 16 -26.38 -10.72 -3.69
N THR D 17 -25.86 -9.49 -3.54
CA THR D 17 -26.42 -8.36 -4.32
C THR D 17 -25.74 -8.35 -5.71
N GLY D 18 -26.49 -7.87 -6.72
CA GLY D 18 -25.96 -7.94 -8.09
C GLY D 18 -26.01 -9.38 -8.63
N ALA D 19 -26.90 -10.22 -8.03
CA ALA D 19 -26.97 -11.69 -8.33
C ALA D 19 -27.46 -11.93 -9.77
N GLY D 20 -28.04 -10.91 -10.43
CA GLY D 20 -28.63 -11.13 -11.75
C GLY D 20 -27.64 -11.24 -12.92
N SER D 21 -26.40 -10.82 -12.78
CA SER D 21 -25.51 -10.70 -13.88
C SER D 21 -24.05 -10.96 -13.46
N GLY D 22 -23.17 -11.23 -14.41
CA GLY D 22 -21.76 -10.98 -14.21
C GLY D 22 -21.15 -11.78 -13.13
N ILE D 23 -20.30 -11.08 -12.35
CA ILE D 23 -19.58 -11.69 -11.26
C ILE D 23 -20.57 -12.19 -10.20
N GLY D 24 -21.59 -11.38 -9.81
CA GLY D 24 -22.54 -11.81 -8.84
C GLY D 24 -23.27 -13.14 -9.13
N LEU D 25 -23.66 -13.26 -10.38
CA LEU D 25 -24.35 -14.51 -10.84
C LEU D 25 -23.40 -15.67 -10.81
N GLU D 26 -22.15 -15.45 -11.25
CA GLU D 26 -21.20 -16.57 -11.17
C GLU D 26 -20.88 -16.91 -9.77
N ILE D 27 -20.81 -15.93 -8.83
CA ILE D 27 -20.59 -16.31 -7.41
C ILE D 27 -21.80 -17.14 -6.88
N CYS D 28 -23.01 -16.80 -7.34
CA CYS D 28 -24.16 -17.64 -6.93
C CYS D 28 -23.95 -19.06 -7.44
N ARG D 29 -23.47 -19.23 -8.70
CA ARG D 29 -23.22 -20.63 -9.21
C ARG D 29 -22.19 -21.32 -8.32
N ALA D 30 -21.09 -20.60 -8.01
CA ALA D 30 -20.05 -21.20 -7.23
C ALA D 30 -20.55 -21.58 -5.83
N PHE D 31 -21.30 -20.70 -5.19
CA PHE D 31 -21.78 -20.94 -3.81
C PHE D 31 -22.79 -22.10 -3.84
N ALA D 32 -23.68 -22.15 -4.86
CA ALA D 32 -24.62 -23.29 -4.87
C ALA D 32 -23.90 -24.61 -5.07
N ALA D 33 -22.82 -24.60 -5.89
CA ALA D 33 -22.04 -25.84 -6.13
C ALA D 33 -21.29 -26.24 -4.85
N SER D 34 -21.11 -25.30 -3.95
CA SER D 34 -20.40 -25.51 -2.68
C SER D 34 -21.37 -25.77 -1.54
N GLY D 35 -22.68 -25.95 -1.82
CA GLY D 35 -23.64 -26.36 -0.79
C GLY D 35 -24.47 -25.27 -0.15
N ALA D 36 -24.24 -24.00 -0.55
CA ALA D 36 -24.98 -22.91 0.13
C ALA D 36 -26.37 -22.80 -0.46
N ARG D 37 -27.31 -22.31 0.33
N ARG D 37 -27.29 -22.29 0.34
CA ARG D 37 -28.55 -21.77 -0.25
CA ARG D 37 -28.54 -21.72 -0.18
C ARG D 37 -28.43 -20.26 -0.36
C ARG D 37 -28.33 -20.26 -0.45
N LEU D 38 -29.26 -19.65 -1.17
CA LEU D 38 -29.01 -18.29 -1.70
C LEU D 38 -30.16 -17.37 -1.52
N ILE D 39 -29.85 -16.12 -1.20
CA ILE D 39 -30.80 -15.02 -1.27
C ILE D 39 -30.34 -14.15 -2.43
N LEU D 40 -31.08 -14.13 -3.55
CA LEU D 40 -30.66 -13.34 -4.66
C LEU D 40 -31.21 -11.98 -4.56
N ILE D 41 -30.37 -10.93 -4.78
CA ILE D 41 -30.90 -9.55 -4.64
C ILE D 41 -30.42 -8.82 -5.88
N ASP D 42 -31.34 -8.11 -6.56
CA ASP D 42 -30.94 -7.36 -7.76
C ASP D 42 -32.07 -6.39 -8.09
N ARG D 43 -31.75 -5.28 -8.71
CA ARG D 43 -32.82 -4.35 -9.07
C ARG D 43 -33.54 -4.82 -10.33
N GLU D 44 -32.94 -5.65 -11.21
CA GLU D 44 -33.51 -6.04 -12.51
C GLU D 44 -34.32 -7.34 -12.30
N ALA D 45 -35.65 -7.22 -12.31
CA ALA D 45 -36.45 -8.40 -11.99
C ALA D 45 -36.33 -9.58 -13.02
N ALA D 46 -36.17 -9.27 -14.31
CA ALA D 46 -36.11 -10.41 -15.30
C ALA D 46 -34.81 -11.24 -15.10
N ALA D 47 -33.71 -10.55 -14.81
CA ALA D 47 -32.40 -11.20 -14.66
C ALA D 47 -32.52 -12.01 -13.37
N LEU D 48 -33.16 -11.47 -12.32
CA LEU D 48 -33.34 -12.23 -11.13
C LEU D 48 -34.12 -13.52 -11.33
N ASP D 49 -35.22 -13.42 -12.11
CA ASP D 49 -36.04 -14.58 -12.38
C ASP D 49 -35.27 -15.60 -13.18
N ARG D 50 -34.48 -15.15 -14.14
CA ARG D 50 -33.70 -16.04 -14.89
C ARG D 50 -32.57 -16.73 -14.02
N ALA D 51 -31.94 -15.98 -13.07
CA ALA D 51 -31.00 -16.61 -12.17
C ALA D 51 -31.71 -17.58 -11.26
N ALA D 52 -32.92 -17.21 -10.74
CA ALA D 52 -33.61 -18.09 -9.79
C ALA D 52 -33.97 -19.41 -10.52
N GLN D 53 -34.27 -19.30 -11.81
CA GLN D 53 -34.67 -20.50 -12.52
C GLN D 53 -33.49 -21.43 -12.70
N GLU D 54 -32.34 -20.82 -13.01
CA GLU D 54 -31.13 -21.61 -13.30
C GLU D 54 -30.66 -22.30 -12.02
N LEU D 55 -30.74 -21.56 -10.90
CA LEU D 55 -30.19 -22.07 -9.61
C LEU D 55 -31.09 -23.03 -8.87
N GLY D 56 -32.39 -23.02 -9.22
CA GLY D 56 -33.27 -24.03 -8.73
C GLY D 56 -33.41 -24.08 -7.23
N ALA D 57 -33.29 -25.29 -6.69
CA ALA D 57 -33.58 -25.53 -5.29
C ALA D 57 -32.60 -24.81 -4.35
N ALA D 58 -31.44 -24.37 -4.89
CA ALA D 58 -30.48 -23.61 -4.06
C ALA D 58 -31.05 -22.27 -3.62
N VAL D 59 -32.03 -21.74 -4.34
CA VAL D 59 -32.57 -20.40 -4.01
C VAL D 59 -33.55 -20.47 -2.87
N ALA D 60 -33.22 -19.74 -1.80
CA ALA D 60 -34.05 -19.69 -0.56
C ALA D 60 -35.01 -18.49 -0.76
N ALA D 61 -34.60 -17.42 -1.44
CA ALA D 61 -35.46 -16.31 -1.76
C ALA D 61 -34.87 -15.51 -2.89
N ARG D 62 -35.77 -14.78 -3.57
N ARG D 62 -35.68 -14.93 -3.77
CA ARG D 62 -35.53 -13.88 -4.72
CA ARG D 62 -35.20 -13.87 -4.62
C ARG D 62 -36.09 -12.46 -4.38
C ARG D 62 -35.91 -12.61 -4.13
N ILE D 63 -35.21 -11.47 -4.22
CA ILE D 63 -35.67 -10.16 -3.73
C ILE D 63 -35.24 -9.12 -4.73
N VAL D 64 -36.29 -8.53 -5.36
CA VAL D 64 -36.09 -7.39 -6.23
C VAL D 64 -35.93 -6.16 -5.34
N ALA D 65 -34.75 -5.58 -5.32
CA ALA D 65 -34.46 -4.42 -4.44
C ALA D 65 -33.32 -3.62 -5.05
N ASP D 66 -33.40 -2.35 -4.69
N ASP D 66 -33.35 -2.28 -4.91
CA ASP D 66 -32.39 -1.36 -4.99
CA ASP D 66 -32.23 -1.37 -5.35
C ASP D 66 -31.42 -1.21 -3.83
C ASP D 66 -31.39 -1.01 -4.11
N VAL D 67 -30.11 -1.43 -4.08
CA VAL D 67 -29.21 -1.33 -2.91
C VAL D 67 -29.10 0.09 -2.41
N THR D 68 -29.42 1.09 -3.24
CA THR D 68 -29.31 2.47 -2.76
C THR D 68 -30.48 2.87 -1.87
N ASP D 69 -31.49 1.99 -1.78
CA ASP D 69 -32.61 2.21 -0.86
C ASP D 69 -32.40 1.56 0.48
N ALA D 70 -31.96 2.37 1.49
CA ALA D 70 -31.54 1.73 2.71
C ALA D 70 -32.70 0.96 3.35
N GLU D 71 -33.91 1.51 3.21
N GLU D 71 -33.91 1.51 3.27
CA GLU D 71 -35.10 0.91 3.82
CA GLU D 71 -35.04 0.83 3.92
C GLU D 71 -35.34 -0.46 3.15
C GLU D 71 -35.33 -0.47 3.16
N ALA D 72 -35.14 -0.49 1.83
CA ALA D 72 -35.31 -1.75 1.06
C ALA D 72 -34.27 -2.79 1.51
N MET D 73 -33.04 -2.37 1.84
CA MET D 73 -32.01 -3.33 2.27
C MET D 73 -32.35 -3.85 3.66
N THR D 74 -32.80 -2.97 4.57
CA THR D 74 -33.21 -3.47 5.86
C THR D 74 -34.38 -4.48 5.75
N ALA D 75 -35.35 -4.14 4.89
CA ALA D 75 -36.49 -5.06 4.68
C ALA D 75 -36.00 -6.38 4.03
N ALA D 76 -35.03 -6.29 3.06
CA ALA D 76 -34.55 -7.52 2.35
C ALA D 76 -33.92 -8.44 3.47
N ALA D 77 -33.13 -7.88 4.44
CA ALA D 77 -32.48 -8.76 5.37
C ALA D 77 -33.57 -9.38 6.31
N ALA D 78 -34.62 -8.59 6.69
CA ALA D 78 -35.73 -9.15 7.51
C ALA D 78 -36.44 -10.33 6.77
N GLU D 79 -36.65 -10.10 5.46
CA GLU D 79 -37.31 -11.13 4.61
C GLU D 79 -36.42 -12.38 4.58
N ALA D 80 -35.12 -12.16 4.34
CA ALA D 80 -34.17 -13.30 4.25
C ALA D 80 -34.14 -14.09 5.55
N GLU D 81 -33.98 -13.35 6.65
CA GLU D 81 -33.83 -13.98 7.99
C GLU D 81 -35.13 -14.76 8.32
N ALA D 82 -36.29 -14.31 7.84
CA ALA D 82 -37.52 -15.12 8.09
C ALA D 82 -37.45 -16.50 7.42
N VAL D 83 -36.64 -16.62 6.39
CA VAL D 83 -36.48 -17.90 5.63
C VAL D 83 -35.31 -18.73 6.25
N ALA D 84 -34.19 -18.04 6.51
CA ALA D 84 -33.03 -18.79 7.03
C ALA D 84 -32.00 -17.80 7.55
N PRO D 85 -31.19 -18.18 8.54
CA PRO D 85 -30.10 -17.28 8.98
C PRO D 85 -29.12 -17.01 7.83
N VAL D 86 -28.84 -15.77 7.57
CA VAL D 86 -27.89 -15.43 6.45
C VAL D 86 -26.52 -15.27 7.09
N SER D 87 -25.60 -16.16 6.76
CA SER D 87 -24.26 -16.06 7.35
C SER D 87 -23.16 -15.56 6.42
N ILE D 88 -23.57 -15.35 5.15
CA ILE D 88 -22.59 -14.80 4.17
C ILE D 88 -23.29 -13.70 3.38
N LEU D 89 -22.60 -12.61 3.17
CA LEU D 89 -23.12 -11.57 2.26
C LEU D 89 -22.06 -11.22 1.24
N VAL D 90 -22.46 -11.17 -0.02
CA VAL D 90 -21.56 -10.77 -1.08
C VAL D 90 -22.13 -9.48 -1.65
N ASN D 91 -21.39 -8.37 -1.62
CA ASN D 91 -21.91 -7.09 -2.21
C ASN D 91 -21.30 -6.91 -3.59
N SER D 92 -22.02 -7.43 -4.55
CA SER D 92 -21.57 -7.35 -5.95
C SER D 92 -22.29 -6.26 -6.82
N ALA D 93 -23.41 -5.73 -6.34
CA ALA D 93 -24.14 -4.71 -7.05
C ALA D 93 -23.21 -3.54 -7.27
N GLY D 94 -23.06 -2.99 -8.45
CA GLY D 94 -22.13 -1.90 -8.73
C GLY D 94 -22.33 -1.45 -10.15
N ILE D 95 -21.94 -0.21 -10.41
CA ILE D 95 -22.06 0.34 -11.74
C ILE D 95 -20.74 1.08 -12.03
N ALA D 96 -20.51 1.29 -13.31
CA ALA D 96 -19.35 2.06 -13.86
C ALA D 96 -19.82 3.01 -14.90
N ARG D 97 -19.43 4.27 -14.83
CA ARG D 97 -19.81 5.29 -15.82
C ARG D 97 -18.56 6.06 -16.21
N LEU D 98 -18.32 6.12 -17.51
CA LEU D 98 -17.21 6.92 -18.02
C LEU D 98 -17.56 8.40 -17.97
N HIS D 99 -16.64 9.21 -17.49
CA HIS D 99 -16.83 10.65 -17.56
C HIS D 99 -15.52 11.33 -17.43
N ASP D 100 -15.31 12.44 -18.17
CA ASP D 100 -14.10 13.34 -18.01
C ASP D 100 -14.42 14.23 -16.81
N ALA D 101 -13.46 14.47 -15.91
CA ALA D 101 -13.72 15.19 -14.64
C ALA D 101 -14.33 16.57 -14.93
N LEU D 102 -13.79 17.32 -15.89
CA LEU D 102 -14.29 18.68 -16.13
C LEU D 102 -15.57 18.70 -16.99
N GLU D 103 -16.10 17.58 -17.36
CA GLU D 103 -17.36 17.51 -18.09
C GLU D 103 -18.20 16.51 -17.43
N THR D 104 -18.24 16.49 -16.08
CA THR D 104 -18.95 15.48 -15.27
C THR D 104 -20.30 16.07 -14.89
N ASP D 105 -21.39 15.45 -15.33
N ASP D 105 -21.33 15.20 -15.09
CA ASP D 105 -22.68 15.84 -14.74
CA ASP D 105 -22.74 15.34 -14.61
C ASP D 105 -22.66 15.39 -13.29
C ASP D 105 -22.86 15.13 -13.10
N ASP D 106 -23.25 16.18 -12.40
CA ASP D 106 -23.28 15.93 -10.93
C ASP D 106 -24.01 14.63 -10.56
N ALA D 107 -25.08 14.32 -11.35
CA ALA D 107 -25.87 13.16 -11.07
C ALA D 107 -25.06 11.86 -11.33
N THR D 108 -24.08 11.89 -12.23
CA THR D 108 -23.29 10.71 -12.53
C THR D 108 -22.39 10.42 -11.34
N TRP D 109 -21.74 11.47 -10.81
CA TRP D 109 -20.87 11.26 -9.65
C TRP D 109 -21.72 10.69 -8.51
N ARG D 110 -22.84 11.34 -8.27
N ARG D 110 -22.87 11.31 -8.21
CA ARG D 110 -23.67 10.93 -7.18
CA ARG D 110 -23.69 10.85 -7.06
C ARG D 110 -24.15 9.52 -7.27
C ARG D 110 -24.20 9.42 -7.22
N GLN D 111 -24.62 9.09 -8.43
CA GLN D 111 -25.17 7.75 -8.49
CA GLN D 111 -25.15 7.75 -8.76
C GLN D 111 -24.12 6.63 -8.46
N VAL D 112 -22.91 6.87 -9.00
CA VAL D 112 -21.87 5.87 -8.89
C VAL D 112 -21.54 5.67 -7.38
N MET D 113 -21.41 6.78 -6.67
CA MET D 113 -21.12 6.65 -5.24
C MET D 113 -22.26 5.99 -4.50
N ALA D 114 -23.51 6.31 -4.86
CA ALA D 114 -24.67 5.77 -4.10
C ALA D 114 -24.66 4.27 -4.26
N VAL D 115 -24.56 3.73 -5.48
CA VAL D 115 -24.62 2.29 -5.67
C VAL D 115 -23.40 1.60 -5.05
N ASN D 116 -22.21 2.13 -5.44
CA ASN D 116 -20.98 1.34 -5.16
C ASN D 116 -20.56 1.37 -3.73
N VAL D 117 -20.89 2.50 -3.04
CA VAL D 117 -20.44 2.72 -1.63
C VAL D 117 -21.66 2.73 -0.70
N ASP D 118 -22.59 3.68 -0.93
CA ASP D 118 -23.68 3.74 0.06
C ASP D 118 -24.45 2.43 0.06
N GLY D 119 -24.76 1.88 -1.13
CA GLY D 119 -25.56 0.65 -1.14
C GLY D 119 -24.82 -0.48 -0.43
N MET D 120 -23.50 -0.53 -0.60
CA MET D 120 -22.75 -1.54 0.09
C MET D 120 -22.83 -1.38 1.59
N PHE D 121 -22.80 -0.12 2.03
CA PHE D 121 -22.96 0.07 3.51
C PHE D 121 -24.40 -0.29 3.91
N TRP D 122 -25.46 0.17 3.15
CA TRP D 122 -26.82 -0.15 3.58
C TRP D 122 -27.00 -1.71 3.69
N ALA D 123 -26.51 -2.44 2.68
CA ALA D 123 -26.68 -3.87 2.66
C ALA D 123 -25.89 -4.50 3.77
N SER D 124 -24.62 -4.01 3.92
CA SER D 124 -23.79 -4.63 5.01
C SER D 124 -24.35 -4.44 6.44
N ARG D 125 -24.86 -3.20 6.69
CA ARG D 125 -25.55 -2.92 7.97
C ARG D 125 -26.79 -3.82 8.14
N ALA D 126 -27.59 -3.94 7.05
CA ALA D 126 -28.86 -4.65 7.13
C ALA D 126 -28.60 -6.12 7.44
N PHE D 127 -27.73 -6.79 6.64
CA PHE D 127 -27.49 -8.23 6.80
C PHE D 127 -26.48 -8.53 7.90
N GLY D 128 -25.56 -7.56 8.15
CA GLY D 128 -24.57 -7.78 9.20
C GLY D 128 -25.20 -7.82 10.57
N ARG D 129 -26.35 -7.16 10.78
N ARG D 129 -26.34 -7.15 10.70
CA ARG D 129 -26.96 -7.08 12.13
CA ARG D 129 -26.98 -6.98 11.95
C ARG D 129 -27.15 -8.49 12.72
C ARG D 129 -27.20 -8.40 12.68
N ALA D 130 -27.80 -9.36 11.92
CA ALA D 130 -28.01 -10.71 12.49
C ALA D 130 -26.72 -11.55 12.59
N MET D 131 -25.75 -11.29 11.73
CA MET D 131 -24.45 -11.98 11.79
C MET D 131 -23.81 -11.62 13.18
N VAL D 132 -23.75 -10.32 13.47
CA VAL D 132 -23.14 -9.87 14.75
C VAL D 132 -23.94 -10.46 15.87
N ALA D 133 -25.29 -10.45 15.78
CA ALA D 133 -26.09 -11.01 16.92
C ALA D 133 -25.72 -12.49 17.10
N ARG D 134 -25.50 -13.19 15.98
CA ARG D 134 -25.11 -14.62 16.13
C ARG D 134 -23.67 -14.86 16.47
N GLY D 135 -22.84 -13.81 16.34
CA GLY D 135 -21.38 -14.01 16.61
C GLY D 135 -20.67 -14.73 15.48
N ALA D 136 -21.20 -14.67 14.24
CA ALA D 136 -20.56 -15.40 13.11
C ALA D 136 -21.07 -14.81 11.84
N GLY D 137 -20.14 -14.70 10.89
CA GLY D 137 -20.53 -14.30 9.53
C GLY D 137 -19.34 -14.02 8.65
N ALA D 138 -19.54 -13.88 7.33
CA ALA D 138 -18.48 -13.54 6.40
C ALA D 138 -19.11 -12.67 5.33
N ILE D 139 -18.39 -11.54 5.05
CA ILE D 139 -18.82 -10.62 4.01
C ILE D 139 -17.73 -10.51 2.97
N VAL D 140 -18.09 -10.56 1.70
CA VAL D 140 -17.16 -10.37 0.60
C VAL D 140 -17.67 -9.22 -0.21
N ASN D 141 -16.85 -8.18 -0.30
CA ASN D 141 -17.16 -7.00 -1.06
C ASN D 141 -16.47 -6.98 -2.43
N LEU D 142 -17.11 -6.55 -3.49
CA LEU D 142 -16.46 -6.40 -4.74
C LEU D 142 -15.85 -5.03 -4.80
N GLY D 143 -14.55 -4.97 -4.43
CA GLY D 143 -13.71 -3.78 -4.71
C GLY D 143 -13.26 -3.85 -6.13
N SER D 144 -12.03 -3.36 -6.38
CA SER D 144 -11.49 -3.38 -7.72
C SER D 144 -10.06 -3.03 -7.68
N MET D 145 -9.26 -3.40 -8.72
CA MET D 145 -7.95 -2.75 -8.79
C MET D 145 -8.10 -1.23 -8.86
N SER D 146 -9.27 -0.70 -9.31
CA SER D 146 -9.51 0.76 -9.33
C SER D 146 -9.67 1.32 -7.93
N GLY D 147 -9.66 0.55 -6.84
CA GLY D 147 -9.56 1.11 -5.53
C GLY D 147 -8.10 1.26 -5.11
N THR D 148 -7.14 0.77 -5.90
CA THR D 148 -5.72 0.77 -5.54
C THR D 148 -4.97 1.68 -6.56
N ILE D 149 -5.24 1.55 -7.87
CA ILE D 149 -4.63 2.31 -9.00
C ILE D 149 -5.72 2.94 -9.73
N VAL D 150 -5.37 3.67 -10.80
CA VAL D 150 -6.33 4.37 -11.66
C VAL D 150 -6.25 3.74 -13.04
N ASN D 151 -7.39 3.43 -13.67
CA ASN D 151 -7.33 2.81 -14.99
C ASN D 151 -6.77 3.72 -16.06
N ARG D 152 -6.40 3.13 -17.18
N ARG D 152 -6.41 3.23 -17.24
CA ARG D 152 -5.88 3.82 -18.32
CA ARG D 152 -6.07 4.10 -18.37
C ARG D 152 -6.45 3.13 -19.60
C ARG D 152 -6.36 3.26 -19.61
N PRO D 153 -6.77 3.91 -20.69
CA PRO D 153 -6.77 5.38 -20.86
C PRO D 153 -8.09 6.01 -20.43
N GLN D 154 -9.16 5.26 -20.24
CA GLN D 154 -10.49 5.85 -19.99
C GLN D 154 -10.54 6.56 -18.65
N PHE D 155 -11.34 7.62 -18.53
CA PHE D 155 -11.55 8.36 -17.27
C PHE D 155 -12.91 8.01 -16.66
N ALA D 156 -12.86 7.90 -15.37
CA ALA D 156 -14.09 7.60 -14.52
C ALA D 156 -13.73 7.85 -13.05
N SER D 157 -13.43 9.12 -12.72
CA SER D 157 -12.94 9.44 -11.35
C SER D 157 -13.96 8.94 -10.31
N SER D 158 -15.28 9.00 -10.57
CA SER D 158 -16.20 8.55 -9.53
C SER D 158 -16.04 7.07 -9.21
N TYR D 159 -15.70 6.29 -10.27
CA TYR D 159 -15.51 4.84 -10.04
C TYR D 159 -14.30 4.62 -9.18
N MET D 160 -13.18 5.30 -9.49
CA MET D 160 -11.94 5.18 -8.67
C MET D 160 -12.24 5.57 -7.22
N ALA D 161 -12.86 6.71 -7.07
CA ALA D 161 -13.15 7.16 -5.67
C ALA D 161 -14.08 6.15 -4.98
N SER D 162 -15.06 5.64 -5.71
CA SER D 162 -16.00 4.69 -5.07
C SER D 162 -15.28 3.45 -4.59
N LYS D 163 -14.30 3.00 -5.40
CA LYS D 163 -13.62 1.72 -5.05
C LYS D 163 -12.62 1.96 -3.91
N GLY D 164 -11.98 3.14 -3.87
CA GLY D 164 -11.19 3.49 -2.62
C GLY D 164 -12.08 3.40 -1.41
N ALA D 165 -13.31 3.95 -1.52
CA ALA D 165 -14.20 3.87 -0.35
C ALA D 165 -14.60 2.45 -0.12
N VAL D 166 -14.84 1.58 -1.10
CA VAL D 166 -15.15 0.19 -0.83
C VAL D 166 -14.04 -0.48 -0.01
N HIS D 167 -12.79 -0.27 -0.45
CA HIS D 167 -11.71 -0.97 0.23
C HIS D 167 -11.64 -0.50 1.71
N GLN D 168 -11.83 0.79 1.96
CA GLN D 168 -11.73 1.21 3.38
C GLN D 168 -13.02 0.88 4.14
N LEU D 169 -14.19 0.84 3.52
CA LEU D 169 -15.41 0.40 4.22
C LEU D 169 -15.21 -1.03 4.64
N THR D 170 -14.69 -1.87 3.74
CA THR D 170 -14.41 -3.30 4.07
C THR D 170 -13.59 -3.37 5.34
N ARG D 171 -12.48 -2.60 5.33
CA ARG D 171 -11.57 -2.64 6.45
C ARG D 171 -12.20 -2.10 7.73
N ALA D 172 -12.97 -1.03 7.65
CA ALA D 172 -13.63 -0.48 8.81
C ALA D 172 -14.59 -1.47 9.40
N LEU D 173 -15.38 -2.17 8.62
CA LEU D 173 -16.31 -3.11 9.25
C LEU D 173 -15.53 -4.37 9.77
N ALA D 174 -14.44 -4.76 9.01
CA ALA D 174 -13.61 -5.86 9.55
C ALA D 174 -13.12 -5.53 10.96
N ALA D 175 -12.62 -4.30 11.14
CA ALA D 175 -12.10 -3.94 12.44
C ALA D 175 -13.21 -3.91 13.49
N GLU D 176 -14.37 -3.32 13.15
CA GLU D 176 -15.45 -3.10 14.10
C GLU D 176 -16.04 -4.42 14.46
N TRP D 177 -16.13 -5.41 13.58
CA TRP D 177 -16.83 -6.64 13.88
C TRP D 177 -15.91 -7.85 14.17
N ALA D 178 -14.58 -7.63 14.22
CA ALA D 178 -13.60 -8.74 14.39
C ALA D 178 -13.87 -9.46 15.65
N GLY D 179 -14.15 -8.70 16.72
CA GLY D 179 -14.34 -9.28 18.04
C GLY D 179 -15.73 -9.90 18.16
N ARG D 180 -16.59 -9.78 17.14
N ARG D 180 -16.56 -9.73 17.12
CA ARG D 180 -17.87 -10.48 17.26
CA ARG D 180 -17.93 -10.22 17.12
C ARG D 180 -18.11 -11.40 16.10
C ARG D 180 -18.11 -11.40 16.16
N GLY D 181 -17.00 -11.91 15.56
CA GLY D 181 -17.02 -13.09 14.75
C GLY D 181 -17.41 -12.92 13.30
N VAL D 182 -17.42 -11.69 12.79
CA VAL D 182 -17.79 -11.46 11.38
C VAL D 182 -16.58 -10.95 10.63
N ARG D 183 -16.16 -11.77 9.68
CA ARG D 183 -15.05 -11.42 8.81
C ARG D 183 -15.56 -10.58 7.69
N VAL D 184 -14.72 -9.57 7.23
CA VAL D 184 -15.13 -8.70 6.08
C VAL D 184 -13.89 -8.49 5.18
N ASN D 185 -13.98 -8.92 3.94
CA ASN D 185 -12.86 -8.82 3.03
C ASN D 185 -13.33 -8.34 1.67
N ALA D 186 -12.39 -7.86 0.86
CA ALA D 186 -12.76 -7.42 -0.50
C ALA D 186 -11.85 -8.13 -1.49
N LEU D 187 -12.48 -8.38 -2.62
CA LEU D 187 -11.73 -8.73 -3.83
C LEU D 187 -11.42 -7.42 -4.59
N ALA D 188 -10.24 -7.37 -5.27
CA ALA D 188 -9.90 -6.24 -6.11
C ALA D 188 -9.58 -6.83 -7.49
N PRO D 189 -10.64 -7.11 -8.31
CA PRO D 189 -10.37 -7.78 -9.60
C PRO D 189 -9.73 -6.77 -10.60
N GLY D 190 -8.97 -7.38 -11.51
CA GLY D 190 -8.58 -6.68 -12.72
C GLY D 190 -9.76 -6.73 -13.73
N TYR D 191 -9.46 -6.55 -15.01
CA TYR D 191 -10.57 -6.58 -15.99
C TYR D 191 -11.15 -7.98 -16.04
N VAL D 192 -12.50 -8.04 -16.06
CA VAL D 192 -13.24 -9.33 -16.08
C VAL D 192 -14.17 -9.18 -17.30
N ALA D 193 -14.33 -10.26 -18.02
CA ALA D 193 -15.24 -10.25 -19.19
C ALA D 193 -16.74 -10.42 -18.66
N THR D 194 -17.40 -9.26 -18.36
CA THR D 194 -18.84 -9.25 -18.01
C THR D 194 -19.53 -8.18 -18.82
N GLU D 195 -20.86 -8.07 -18.62
CA GLU D 195 -21.63 -6.99 -19.27
C GLU D 195 -21.18 -5.58 -18.83
N MET D 196 -20.63 -5.45 -17.60
CA MET D 196 -20.16 -4.15 -17.15
C MET D 196 -19.12 -3.55 -18.16
N THR D 197 -18.24 -4.47 -18.72
CA THR D 197 -17.05 -4.09 -19.55
C THR D 197 -17.20 -4.35 -21.06
N LEU D 198 -18.29 -4.95 -21.49
CA LEU D 198 -18.36 -5.44 -22.86
C LEU D 198 -18.19 -4.30 -23.95
N LYS D 199 -18.91 -3.16 -23.81
CA LYS D 199 -18.75 -2.06 -24.73
C LYS D 199 -17.35 -1.48 -24.80
N MET D 200 -16.72 -1.40 -23.67
CA MET D 200 -15.36 -0.93 -23.64
C MET D 200 -14.39 -1.94 -24.21
N ARG D 201 -14.61 -3.24 -23.96
CA ARG D 201 -13.77 -4.24 -24.60
C ARG D 201 -13.89 -4.27 -26.11
N GLU D 202 -14.97 -3.71 -26.60
CA GLU D 202 -15.18 -3.62 -28.08
C GLU D 202 -14.51 -2.38 -28.75
N ARG D 203 -13.79 -1.56 -27.96
CA ARG D 203 -13.12 -0.34 -28.40
C ARG D 203 -11.67 -0.66 -28.34
N PRO D 204 -10.98 -0.93 -29.50
CA PRO D 204 -9.52 -1.25 -29.44
C PRO D 204 -8.71 -0.16 -28.78
N GLU D 205 -9.20 1.07 -28.83
CA GLU D 205 -8.45 2.21 -28.27
C GLU D 205 -8.39 2.15 -26.75
N LEU D 206 -9.31 1.39 -26.17
N LEU D 206 -9.24 1.34 -26.13
CA LEU D 206 -9.23 1.03 -24.75
CA LEU D 206 -9.14 0.98 -24.65
C LEU D 206 -8.51 -0.31 -24.62
C LEU D 206 -8.57 -0.44 -24.48
N PHE D 207 -9.06 -1.38 -25.25
CA PHE D 207 -8.75 -2.73 -24.90
C PHE D 207 -7.34 -3.18 -25.16
N GLU D 208 -6.74 -2.57 -26.22
CA GLU D 208 -5.34 -2.93 -26.47
C GLU D 208 -4.50 -2.54 -25.28
N THR D 209 -4.76 -1.38 -24.72
CA THR D 209 -3.99 -0.93 -23.56
C THR D 209 -4.30 -1.79 -22.36
N TRP D 210 -5.54 -2.12 -22.15
CA TRP D 210 -5.87 -2.99 -21.02
C TRP D 210 -5.04 -4.27 -21.00
N LEU D 211 -4.98 -4.94 -22.15
CA LEU D 211 -4.27 -6.25 -22.22
C LEU D 211 -2.76 -6.04 -22.13
N ASP D 212 -2.27 -4.94 -22.72
CA ASP D 212 -0.80 -4.67 -22.73
C ASP D 212 -0.39 -4.38 -21.25
N MET D 213 -1.30 -3.85 -20.43
N MET D 213 -1.30 -3.86 -20.42
CA MET D 213 -0.95 -3.45 -19.05
CA MET D 213 -0.87 -3.48 -19.07
C MET D 213 -1.23 -4.60 -18.11
C MET D 213 -1.20 -4.61 -18.11
N THR D 214 -1.65 -5.78 -18.59
CA THR D 214 -1.92 -6.91 -17.66
C THR D 214 -0.81 -7.95 -17.91
N PRO D 215 0.02 -8.28 -16.89
CA PRO D 215 1.07 -9.28 -17.13
C PRO D 215 0.56 -10.59 -17.73
N MET D 216 -0.59 -11.11 -17.30
CA MET D 216 -1.10 -12.35 -17.94
C MET D 216 -1.60 -12.10 -19.38
N GLY D 217 -1.82 -10.86 -19.78
CA GLY D 217 -2.13 -10.57 -21.21
C GLY D 217 -3.56 -10.97 -21.58
N ARG D 218 -4.43 -11.06 -20.61
CA ARG D 218 -5.84 -11.52 -20.90
C ARG D 218 -6.72 -10.93 -19.82
N CYS D 219 -8.01 -10.98 -20.07
N CYS D 219 -8.00 -10.71 -20.11
CA CYS D 219 -9.01 -10.40 -19.24
CA CYS D 219 -8.98 -10.48 -19.08
C CYS D 219 -9.48 -11.64 -18.42
C CYS D 219 -9.21 -11.75 -18.26
N GLY D 220 -9.75 -11.56 -17.08
CA GLY D 220 -10.17 -12.70 -16.32
C GLY D 220 -11.63 -13.08 -16.71
N GLU D 221 -11.96 -14.33 -16.44
CA GLU D 221 -13.35 -14.74 -16.60
C GLU D 221 -14.03 -14.65 -15.19
N PRO D 222 -15.39 -14.51 -15.19
CA PRO D 222 -16.09 -14.37 -13.91
C PRO D 222 -15.83 -15.53 -12.94
N SER D 223 -15.64 -16.76 -13.44
CA SER D 223 -15.34 -17.91 -12.62
C SER D 223 -14.05 -17.70 -11.86
N GLU D 224 -13.06 -16.98 -12.45
CA GLU D 224 -11.76 -16.82 -11.72
C GLU D 224 -11.92 -15.82 -10.58
N ILE D 225 -12.94 -14.96 -10.60
CA ILE D 225 -13.25 -14.08 -9.46
C ILE D 225 -14.09 -14.82 -8.53
N ALA D 226 -15.09 -15.59 -8.99
CA ALA D 226 -15.93 -16.34 -8.09
C ALA D 226 -15.19 -17.38 -7.32
N ALA D 227 -14.16 -18.03 -7.81
CA ALA D 227 -13.38 -18.98 -7.03
C ALA D 227 -12.70 -18.24 -5.87
N ALA D 228 -12.20 -17.02 -6.11
CA ALA D 228 -11.54 -16.26 -5.01
C ALA D 228 -12.60 -15.78 -3.94
N ALA D 229 -13.81 -15.42 -4.42
CA ALA D 229 -14.90 -15.04 -3.50
C ALA D 229 -15.24 -16.23 -2.63
N LEU D 230 -15.29 -17.44 -3.23
CA LEU D 230 -15.64 -18.66 -2.47
C LEU D 230 -14.58 -18.90 -1.36
N PHE D 231 -13.28 -18.80 -1.73
CA PHE D 231 -12.24 -18.83 -0.74
C PHE D 231 -12.55 -17.87 0.43
N LEU D 232 -12.75 -16.59 0.17
CA LEU D 232 -12.90 -15.61 1.26
C LEU D 232 -14.20 -15.81 2.04
N ALA D 233 -15.23 -16.36 1.37
CA ALA D 233 -16.51 -16.57 2.10
C ALA D 233 -16.49 -17.84 2.92
N SER D 234 -15.53 -18.72 2.70
CA SER D 234 -15.54 -20.06 3.34
C SER D 234 -14.72 -20.10 4.61
N PRO D 235 -14.86 -21.19 5.40
CA PRO D 235 -13.99 -21.35 6.57
C PRO D 235 -12.52 -21.42 6.20
N ALA D 236 -12.13 -21.70 4.98
CA ALA D 236 -10.72 -21.72 4.72
C ALA D 236 -10.07 -20.38 5.00
N ALA D 237 -10.83 -19.29 4.90
CA ALA D 237 -10.30 -17.92 5.13
C ALA D 237 -10.58 -17.47 6.56
N SER D 238 -10.62 -18.42 7.53
CA SER D 238 -10.96 -18.06 8.94
C SER D 238 -10.03 -17.10 9.66
N TYR D 239 -8.77 -16.92 9.16
CA TYR D 239 -7.85 -15.88 9.73
C TYR D 239 -7.70 -14.68 8.83
N VAL D 240 -8.56 -14.62 7.80
CA VAL D 240 -8.43 -13.48 6.80
C VAL D 240 -9.58 -12.52 7.13
N THR D 241 -9.24 -11.28 7.56
CA THR D 241 -10.26 -10.26 7.70
C THR D 241 -9.60 -8.92 7.36
N GLY D 242 -10.36 -8.03 6.77
CA GLY D 242 -9.82 -6.73 6.36
C GLY D 242 -8.84 -6.78 5.18
N ALA D 243 -8.74 -7.93 4.50
CA ALA D 243 -7.81 -8.05 3.41
C ALA D 243 -8.46 -7.57 2.12
N ILE D 244 -7.59 -6.98 1.26
CA ILE D 244 -7.96 -6.62 -0.09
C ILE D 244 -7.15 -7.57 -0.97
N LEU D 245 -7.82 -8.54 -1.58
CA LEU D 245 -7.15 -9.55 -2.41
C LEU D 245 -7.16 -9.18 -3.86
N ALA D 246 -5.98 -8.91 -4.40
CA ALA D 246 -5.90 -8.60 -5.84
C ALA D 246 -6.12 -9.85 -6.66
N VAL D 247 -7.01 -9.78 -7.65
CA VAL D 247 -7.24 -10.92 -8.58
C VAL D 247 -7.27 -10.28 -9.96
N ASP D 248 -6.05 -9.93 -10.43
CA ASP D 248 -5.97 -8.97 -11.53
C ASP D 248 -4.97 -9.40 -12.58
N GLY D 249 -4.57 -10.65 -12.63
CA GLY D 249 -3.66 -11.00 -13.74
C GLY D 249 -2.35 -10.34 -13.57
N GLY D 250 -2.00 -9.75 -12.43
CA GLY D 250 -0.76 -9.01 -12.21
C GLY D 250 -0.89 -7.56 -12.47
N TYR D 251 -2.10 -7.00 -12.82
CA TYR D 251 -2.15 -5.59 -13.26
C TYR D 251 -1.47 -4.63 -12.27
N THR D 252 -1.77 -4.80 -10.97
CA THR D 252 -1.22 -3.87 -9.97
C THR D 252 0.26 -4.14 -9.63
N VAL D 253 0.90 -5.15 -10.26
CA VAL D 253 2.32 -5.42 -10.02
C VAL D 253 3.20 -4.41 -10.74
N TRP D 254 2.79 -4.05 -11.97
CA TRP D 254 3.51 -3.02 -12.83
C TRP D 254 3.15 -1.60 -12.35
#